data_5W36
#
_entry.id   5W36
#
_cell.length_a   43.837
_cell.length_b   210.936
_cell.length_c   46.046
_cell.angle_alpha   90.00
_cell.angle_beta   106.78
_cell.angle_gamma   90.00
#
_symmetry.space_group_name_H-M   'P 1 21 1'
#
loop_
_entity.id
_entity.type
_entity.pdbx_description
1 polymer 'DNA primase'
2 polymer "synthetic DNA 5'-TATCGTCCCGCCTC"
3 non-polymer 'STRONTIUM ION'
4 water water
#
loop_
_entity_poly.entity_id
_entity_poly.type
_entity_poly.pdbx_seq_one_letter_code
_entity_poly.pdbx_strand_id
1 'polypeptide(L)'
;GPHMGSRSRLLAANAAAAAFYAQALQSDEAAPARQYLTERSFDAAAARKFGCGFAPSGWDSLTKHLQRKGFEFEELEAAG
LSRQGRHGPMDRFHRRLLWPIRTSAGEVVGFGARRLFDDDAMEAKYVNTPETLLYKKSSVMFGIDLAKRDIAKGHQAVVV
EGYTDVMAMHLAGVTTAVASCGTAFGGEHLAMLRRLMMDDSFFRGELIYVFDGDEAGRAAALKAFDGEQKLAGQSFVAVA
PDGMDPCDLRLKCGDAALRDLVARRTPLFEFAIRAAIAEMDLDSAEGRVAALRRCVPMVGQIKDPTLRDEYARQLAGWVG
WADVA
;
A,B
2 'polydeoxyribonucleotide' (DT)(DA)(DT)(DC)(DG)(DT)(DC)(DC)(DC)(DG)(DC)(DC)(DT)(DC) G
#
# COMPACT_ATOMS: atom_id res chain seq x y z
N PRO A 2 22.47 37.99 4.83
CA PRO A 2 23.77 38.63 4.60
C PRO A 2 24.80 37.76 3.87
N HIS A 3 26.02 38.29 3.72
CA HIS A 3 27.16 37.54 3.20
C HIS A 3 27.64 36.57 4.29
N MET A 4 27.94 37.12 5.46
CA MET A 4 28.42 36.34 6.61
C MET A 4 27.27 35.86 7.49
N GLY A 5 27.29 34.59 7.87
CA GLY A 5 26.33 34.00 8.81
C GLY A 5 25.02 33.48 8.21
N SER A 6 24.98 33.32 6.89
CA SER A 6 23.78 32.90 6.16
C SER A 6 23.63 31.39 6.17
N ARG A 7 22.48 30.93 5.65
CA ARG A 7 22.15 29.50 5.68
C ARG A 7 23.13 28.65 4.87
N SER A 8 23.37 29.03 3.63
CA SER A 8 24.27 28.28 2.73
C SER A 8 25.75 28.38 3.14
N ARG A 9 26.08 29.46 3.84
CA ARG A 9 27.40 29.66 4.45
C ARG A 9 27.61 28.67 5.62
N LEU A 10 26.58 28.56 6.45
CA LEU A 10 26.53 27.57 7.54
C LEU A 10 26.60 26.13 7.04
N LEU A 11 25.86 25.84 5.97
CA LEU A 11 25.93 24.53 5.31
C LEU A 11 27.32 24.24 4.74
N ALA A 12 27.94 25.25 4.13
CA ALA A 12 29.30 25.11 3.59
C ALA A 12 30.34 24.88 4.69
N ALA A 13 30.14 25.51 5.85
CA ALA A 13 31.00 25.29 7.02
C ALA A 13 30.93 23.84 7.48
N ASN A 14 29.70 23.34 7.66
CA ASN A 14 29.49 21.94 8.04
C ASN A 14 30.12 20.95 7.05
N ALA A 15 29.90 21.16 5.76
CA ALA A 15 30.49 20.29 4.73
C ALA A 15 32.02 20.27 4.83
N ALA A 16 32.61 21.44 5.01
CA ALA A 16 34.06 21.54 5.24
C ALA A 16 34.49 20.80 6.52
N ALA A 17 33.75 21.01 7.61
CA ALA A 17 34.01 20.31 8.87
C ALA A 17 33.93 18.79 8.72
N ALA A 18 32.97 18.30 7.94
CA ALA A 18 32.80 16.85 7.71
C ALA A 18 33.97 16.25 6.91
N ALA A 19 34.46 16.99 5.92
CA ALA A 19 35.64 16.59 5.15
C ALA A 19 36.92 16.57 6.01
N PHE A 20 37.09 17.60 6.83
CA PHE A 20 38.18 17.67 7.80
C PHE A 20 38.17 16.44 8.69
N TYR A 21 37.03 16.21 9.34
CA TYR A 21 36.91 15.09 10.27
C TYR A 21 37.10 13.74 9.60
N ALA A 22 36.63 13.59 8.35
CA ALA A 22 36.81 12.35 7.59
C ALA A 22 38.30 12.07 7.32
N GLN A 23 39.04 13.11 6.97
CA GLN A 23 40.48 13.01 6.79
C GLN A 23 41.18 12.66 8.11
N ALA A 24 40.74 13.28 9.20
CA ALA A 24 41.32 13.06 10.54
C ALA A 24 41.13 11.64 11.10
N LEU A 25 40.20 10.89 10.53
CA LEU A 25 40.00 9.47 10.91
C LEU A 25 41.18 8.57 10.49
N GLN A 26 41.94 8.97 9.46
CA GLN A 26 43.12 8.21 9.01
C GLN A 26 44.41 8.49 9.80
N SER A 27 44.36 9.43 10.75
CA SER A 27 45.54 9.78 11.57
C SER A 27 45.92 8.69 12.56
N ASP A 28 47.05 8.89 13.24
CA ASP A 28 47.55 7.93 14.25
C ASP A 28 46.66 7.90 15.49
N GLU A 29 46.36 9.07 16.04
CA GLU A 29 45.55 9.18 17.27
C GLU A 29 44.11 8.66 17.11
N ALA A 30 43.62 8.57 15.86
CA ALA A 30 42.29 8.05 15.55
C ALA A 30 42.15 6.51 15.60
N ALA A 31 43.25 5.77 15.77
CA ALA A 31 43.22 4.31 15.86
C ALA A 31 42.03 3.72 16.68
N PRO A 32 41.79 4.23 17.91
CA PRO A 32 40.62 3.72 18.67
C PRO A 32 39.25 4.01 18.06
N ALA A 33 39.12 5.06 17.24
CA ALA A 33 37.90 5.33 16.48
C ALA A 33 37.73 4.33 15.35
N ARG A 34 38.82 4.08 14.61
CA ARG A 34 38.83 3.02 13.60
C ARG A 34 38.62 1.65 14.23
N GLN A 35 39.17 1.44 15.42
CA GLN A 35 38.99 0.19 16.16
C GLN A 35 37.55 0.04 16.65
N TYR A 36 36.88 1.15 16.98
CA TYR A 36 35.44 1.11 17.26
C TYR A 36 34.64 0.59 16.06
N LEU A 37 35.00 1.06 14.86
CA LEU A 37 34.30 0.68 13.64
C LEU A 37 34.61 -0.75 13.24
N THR A 38 35.90 -1.08 13.14
CA THR A 38 36.32 -2.42 12.72
C THR A 38 35.98 -3.50 13.76
N GLU A 39 35.96 -3.14 15.05
CA GLU A 39 35.53 -4.06 16.12
C GLU A 39 34.07 -4.53 15.95
N ARG A 40 33.26 -3.76 15.24
CA ARG A 40 31.89 -4.18 14.89
C ARG A 40 31.65 -4.28 13.38
N SER A 41 32.71 -4.63 12.66
CA SER A 41 32.66 -5.11 11.29
C SER A 41 32.22 -4.07 10.25
N PHE A 42 32.49 -2.80 10.53
CA PHE A 42 32.30 -1.72 9.56
C PHE A 42 33.64 -1.43 8.90
N ASP A 43 33.78 -1.82 7.63
CA ASP A 43 35.03 -1.67 6.89
C ASP A 43 35.25 -0.22 6.44
N ALA A 44 36.36 0.02 5.74
CA ALA A 44 36.71 1.34 5.20
C ALA A 44 35.67 1.88 4.21
N ALA A 45 35.06 1.00 3.42
CA ALA A 45 33.99 1.39 2.48
C ALA A 45 32.75 1.89 3.21
N ALA A 46 32.41 1.23 4.31
CA ALA A 46 31.29 1.64 5.16
C ALA A 46 31.54 3.02 5.75
N ALA A 47 32.68 3.18 6.42
CA ALA A 47 33.04 4.45 7.07
C ALA A 47 32.99 5.64 6.11
N ARG A 48 33.47 5.43 4.88
CA ARG A 48 33.38 6.44 3.82
C ARG A 48 31.94 6.64 3.32
N LYS A 49 31.13 5.58 3.32
CA LYS A 49 29.71 5.68 2.92
C LYS A 49 28.88 6.59 3.82
N PHE A 50 29.03 6.44 5.14
CA PHE A 50 28.27 7.25 6.11
C PHE A 50 28.98 8.53 6.55
N GLY A 51 30.17 8.80 6.00
CA GLY A 51 30.91 10.03 6.29
C GLY A 51 31.56 10.05 7.66
N CYS A 52 31.89 8.87 8.19
CA CYS A 52 32.51 8.74 9.51
C CYS A 52 33.81 9.52 9.61
N GLY A 53 34.00 10.20 10.74
CA GLY A 53 35.19 10.98 11.00
C GLY A 53 35.64 10.85 12.43
N PHE A 54 36.71 11.58 12.77
CA PHE A 54 37.27 11.62 14.14
C PHE A 54 37.59 13.07 14.50
N ALA A 55 37.11 13.51 15.66
CA ALA A 55 37.47 14.83 16.17
C ALA A 55 38.82 14.70 16.85
N PRO A 56 39.82 15.49 16.42
CA PRO A 56 41.16 15.36 17.02
C PRO A 56 41.28 16.00 18.39
N SER A 57 42.34 15.62 19.09
CA SER A 57 42.77 16.24 20.34
C SER A 57 43.13 17.70 20.12
N GLY A 58 43.30 18.42 21.23
CA GLY A 58 43.65 19.82 21.21
C GLY A 58 42.44 20.68 21.54
N TRP A 59 42.46 21.92 21.06
CA TRP A 59 41.48 22.95 21.42
C TRP A 59 40.69 23.50 20.26
N ASP A 60 41.40 23.88 19.21
CA ASP A 60 40.88 24.73 18.14
C ASP A 60 41.27 24.22 16.74
N SER A 61 41.58 22.92 16.65
CA SER A 61 42.14 22.33 15.42
C SER A 61 41.22 22.51 14.21
N LEU A 62 39.95 22.15 14.34
CA LEU A 62 38.94 22.40 13.28
C LEU A 62 38.71 23.88 13.06
N THR A 63 38.54 24.63 14.15
CA THR A 63 38.28 26.05 14.07
C THR A 63 39.33 26.74 13.19
N LYS A 64 40.61 26.57 13.56
CA LYS A 64 41.72 27.18 12.82
C LYS A 64 41.76 26.74 11.36
N HIS A 65 41.43 25.46 11.11
CA HIS A 65 41.32 24.94 9.74
C HIS A 65 40.24 25.64 8.91
N LEU A 66 39.10 25.92 9.52
CA LEU A 66 37.99 26.62 8.86
C LEU A 66 38.20 28.13 8.81
N GLN A 67 38.97 28.68 9.73
CA GLN A 67 39.35 30.11 9.65
C GLN A 67 40.34 30.39 8.51
N ARG A 68 41.22 29.45 8.20
CA ARG A 68 42.07 29.55 7.00
C ARG A 68 41.25 29.49 5.71
N LYS A 69 40.18 28.69 5.73
CA LYS A 69 39.23 28.59 4.60
C LYS A 69 38.35 29.84 4.39
N GLY A 70 38.33 30.77 5.35
CA GLY A 70 37.64 32.05 5.22
C GLY A 70 36.42 32.23 6.10
N PHE A 71 36.13 31.27 6.98
CA PHE A 71 34.94 31.35 7.84
C PHE A 71 35.23 32.19 9.09
N GLU A 72 34.31 33.11 9.40
CA GLU A 72 34.40 33.93 10.62
C GLU A 72 33.99 33.06 11.82
N PHE A 73 34.49 33.38 13.00
CA PHE A 73 34.08 32.69 14.23
C PHE A 73 32.57 32.84 14.55
N GLU A 74 31.96 33.97 14.17
CA GLU A 74 30.51 34.16 14.35
C GLU A 74 29.73 33.06 13.64
N GLU A 75 30.19 32.71 12.43
CA GLU A 75 29.56 31.69 11.57
C GLU A 75 29.73 30.27 12.11
N LEU A 76 30.92 29.98 12.61
CA LEU A 76 31.23 28.67 13.19
C LEU A 76 30.51 28.45 14.52
N GLU A 77 30.32 29.51 15.29
CA GLU A 77 29.44 29.47 16.47
C GLU A 77 27.99 29.29 16.05
N ALA A 78 27.58 29.99 15.00
CA ALA A 78 26.23 29.87 14.47
C ALA A 78 25.92 28.48 13.87
N ALA A 79 26.93 27.82 13.31
CA ALA A 79 26.80 26.48 12.72
C ALA A 79 26.97 25.32 13.71
N GLY A 80 27.24 25.63 14.98
CA GLY A 80 27.45 24.62 16.01
C GLY A 80 28.75 23.83 15.89
N LEU A 81 29.77 24.45 15.28
CA LEU A 81 31.10 23.82 15.13
C LEU A 81 32.14 24.25 16.16
N SER A 82 32.01 25.49 16.65
CA SER A 82 32.97 26.12 17.54
C SER A 82 32.26 26.86 18.66
N ARG A 83 32.98 27.16 19.73
CA ARG A 83 32.44 27.96 20.85
C ARG A 83 33.52 28.86 21.47
N GLN A 84 33.07 29.81 22.28
CA GLN A 84 33.94 30.84 22.86
C GLN A 84 34.51 30.38 24.20
N GLY A 85 35.79 29.97 24.19
CA GLY A 85 36.52 29.64 25.42
C GLY A 85 37.23 30.86 26.02
N ARG A 86 37.84 30.68 27.20
CA ARG A 86 38.40 31.81 27.95
C ARG A 86 39.63 32.46 27.27
N HIS A 87 40.51 31.63 26.72
CA HIS A 87 41.68 32.10 25.94
C HIS A 87 41.48 32.06 24.42
N GLY A 88 40.22 31.93 23.98
CA GLY A 88 39.85 32.07 22.56
C GLY A 88 38.87 31.03 22.05
N PRO A 89 38.61 31.02 20.72
CA PRO A 89 37.78 30.01 20.06
C PRO A 89 38.28 28.58 20.23
N MET A 90 37.35 27.66 20.52
CA MET A 90 37.66 26.23 20.62
C MET A 90 36.58 25.40 19.93
N ASP A 91 36.94 24.15 19.60
CA ASP A 91 36.04 23.22 18.92
C ASP A 91 34.99 22.69 19.87
N ARG A 92 33.82 22.35 19.34
CA ARG A 92 32.77 21.72 20.14
C ARG A 92 33.11 20.27 20.52
N PHE A 93 33.69 19.53 19.58
CA PHE A 93 33.96 18.10 19.76
C PHE A 93 35.45 17.84 19.91
N HIS A 94 35.78 16.79 20.69
CA HIS A 94 37.18 16.42 20.99
C HIS A 94 37.34 14.93 21.19
N ARG A 95 38.31 14.33 20.50
CA ARG A 95 38.75 12.94 20.74
C ARG A 95 37.58 11.95 20.69
N ARG A 96 36.73 12.10 19.68
CA ARG A 96 35.49 11.35 19.58
C ARG A 96 35.24 10.89 18.15
N LEU A 97 34.60 9.73 17.98
CA LEU A 97 34.18 9.25 16.65
C LEU A 97 32.89 9.98 16.30
N LEU A 98 32.87 10.60 15.11
CA LEU A 98 31.73 11.44 14.66
C LEU A 98 30.99 10.85 13.47
N TRP A 99 29.66 11.00 13.47
CA TRP A 99 28.82 10.76 12.30
C TRP A 99 28.12 12.05 11.89
N PRO A 100 28.31 12.50 10.64
CA PRO A 100 27.59 13.67 10.18
C PRO A 100 26.10 13.35 10.05
N ILE A 101 25.28 14.27 10.56
CA ILE A 101 23.83 14.17 10.49
C ILE A 101 23.42 15.05 9.32
N ARG A 102 22.60 14.51 8.42
CA ARG A 102 22.28 15.19 7.15
C ARG A 102 20.81 15.34 6.90
N THR A 103 20.47 16.31 6.06
CA THR A 103 19.10 16.44 5.52
C THR A 103 18.86 15.31 4.52
N SER A 104 17.62 15.14 4.08
CA SER A 104 17.27 14.07 3.12
C SER A 104 17.92 14.28 1.76
N ALA A 105 18.34 15.53 1.48
CA ALA A 105 19.17 15.86 0.31
C ALA A 105 20.67 15.74 0.54
N GLY A 106 21.08 15.21 1.69
CA GLY A 106 22.49 14.91 1.95
C GLY A 106 23.36 16.05 2.43
N GLU A 107 22.77 17.20 2.76
CA GLU A 107 23.54 18.32 3.29
C GLU A 107 23.77 18.17 4.81
N VAL A 108 25.03 18.30 5.24
CA VAL A 108 25.41 18.12 6.64
C VAL A 108 24.86 19.29 7.45
N VAL A 109 24.07 18.98 8.48
CA VAL A 109 23.52 19.99 9.40
C VAL A 109 24.10 19.94 10.82
N GLY A 110 24.84 18.87 11.13
CA GLY A 110 25.46 18.70 12.45
C GLY A 110 26.14 17.35 12.58
N PHE A 111 26.40 16.93 13.81
CA PHE A 111 27.19 15.73 14.09
C PHE A 111 26.73 15.00 15.38
N GLY A 112 26.94 13.69 15.39
CA GLY A 112 26.80 12.86 16.58
C GLY A 112 28.18 12.31 16.93
N ALA A 113 28.60 12.48 18.19
CA ALA A 113 29.97 12.19 18.61
C ALA A 113 29.95 11.18 19.74
N ARG A 114 30.57 10.02 19.52
CA ARG A 114 30.65 9.00 20.58
C ARG A 114 31.97 9.05 21.36
N ARG A 115 31.85 8.96 22.68
CA ARG A 115 33.00 8.94 23.63
C ARG A 115 33.94 7.80 23.31
N LEU A 116 35.24 8.09 23.25
CA LEU A 116 36.26 7.07 22.92
C LEU A 116 37.29 6.79 24.02
N PHE A 117 37.60 7.79 24.86
CA PHE A 117 38.67 7.66 25.85
C PHE A 117 38.18 7.63 27.29
N ASP A 118 39.00 7.03 28.15
CA ASP A 118 38.69 6.86 29.56
C ASP A 118 38.73 8.21 30.25
N ASP A 119 39.72 9.02 29.89
CA ASP A 119 39.92 10.35 30.46
C ASP A 119 39.29 11.48 29.63
N ASP A 120 38.21 11.17 28.91
CA ASP A 120 37.43 12.20 28.21
C ASP A 120 36.78 13.11 29.26
N ALA A 121 37.03 14.41 29.14
CA ALA A 121 36.41 15.42 30.01
C ALA A 121 34.88 15.28 30.02
N MET A 122 34.31 15.00 28.85
CA MET A 122 32.87 14.80 28.68
C MET A 122 32.49 13.36 29.02
N GLU A 123 31.58 13.20 29.99
CA GLU A 123 31.18 11.89 30.47
C GLU A 123 30.14 11.22 29.57
N ALA A 124 29.22 12.01 29.02
CA ALA A 124 28.15 11.52 28.15
C ALA A 124 28.68 10.60 27.05
N LYS A 125 28.02 9.47 26.88
CA LYS A 125 28.38 8.48 25.87
C LYS A 125 28.27 9.05 24.45
N TYR A 126 27.20 9.81 24.22
CA TYR A 126 26.97 10.53 22.97
C TYR A 126 26.72 12.02 23.21
N VAL A 127 27.25 12.84 22.30
CA VAL A 127 27.05 14.28 22.28
C VAL A 127 26.61 14.67 20.87
N ASN A 128 25.81 15.73 20.78
CA ASN A 128 25.32 16.26 19.50
C ASN A 128 25.56 17.75 19.38
N THR A 129 25.42 18.22 18.14
CA THR A 129 25.31 19.62 17.82
C THR A 129 24.11 20.21 18.56
N PRO A 130 24.25 21.41 19.15
CA PRO A 130 23.10 22.05 19.80
C PRO A 130 22.10 22.57 18.78
N GLU A 131 21.00 23.14 19.26
CA GLU A 131 20.00 23.75 18.37
C GLU A 131 20.65 24.91 17.64
N THR A 132 20.69 24.82 16.31
CA THR A 132 21.16 25.91 15.46
C THR A 132 20.08 26.22 14.41
N LEU A 133 20.38 27.15 13.50
CA LEU A 133 19.54 27.45 12.34
C LEU A 133 19.29 26.23 11.43
N LEU A 134 20.26 25.32 11.40
CA LEU A 134 20.23 24.14 10.54
C LEU A 134 19.79 22.84 11.21
N TYR A 135 20.14 22.67 12.48
CA TYR A 135 19.98 21.43 13.23
C TYR A 135 18.85 21.56 14.25
N LYS A 136 17.76 20.82 14.03
CA LYS A 136 16.65 20.72 14.98
C LYS A 136 16.58 19.26 15.40
N LYS A 137 16.83 18.99 16.68
CA LYS A 137 16.95 17.61 17.17
C LYS A 137 15.68 16.78 17.00
N SER A 138 14.53 17.46 17.08
CA SER A 138 13.23 16.80 17.01
C SER A 138 12.79 16.44 15.58
N SER A 139 13.46 16.99 14.55
CA SER A 139 13.20 16.58 13.15
C SER A 139 14.42 15.98 12.39
N VAL A 140 15.59 15.95 13.00
CA VAL A 140 16.78 15.44 12.31
C VAL A 140 16.81 13.91 12.41
N MET A 141 17.31 13.24 11.38
CA MET A 141 17.40 11.77 11.38
C MET A 141 18.63 11.25 10.67
N PHE A 142 19.32 10.30 11.30
CA PHE A 142 20.49 9.70 10.72
C PHE A 142 20.03 8.65 9.72
N GLY A 143 20.62 8.68 8.54
CA GLY A 143 20.30 7.72 7.49
C GLY A 143 19.32 8.23 6.45
N ILE A 144 18.67 9.36 6.72
CA ILE A 144 17.56 9.82 5.86
C ILE A 144 18.00 10.16 4.43
N ASP A 145 19.20 10.72 4.25
CA ASP A 145 19.78 10.88 2.89
C ASP A 145 19.95 9.57 2.12
N LEU A 146 20.42 8.51 2.79
CA LEU A 146 20.61 7.19 2.15
C LEU A 146 19.32 6.40 1.98
N ALA A 147 18.34 6.62 2.86
CA ALA A 147 17.09 5.84 2.86
C ALA A 147 15.92 6.51 2.14
N LYS A 148 15.98 7.82 1.96
CA LYS A 148 14.95 8.62 1.25
C LYS A 148 14.26 7.92 0.08
N ARG A 149 15.03 7.41 -0.87
CA ARG A 149 14.48 6.87 -2.12
C ARG A 149 13.64 5.61 -1.88
N ASP A 150 14.22 4.65 -1.15
CA ASP A 150 13.53 3.39 -0.89
C ASP A 150 12.43 3.45 0.17
N ILE A 151 12.45 4.45 1.04
CA ILE A 151 11.33 4.70 1.95
C ILE A 151 10.12 5.13 1.11
N ALA A 152 10.32 6.04 0.16
CA ALA A 152 9.24 6.50 -0.71
C ALA A 152 8.74 5.41 -1.66
N LYS A 153 9.65 4.77 -2.39
CA LYS A 153 9.28 3.74 -3.36
C LYS A 153 8.74 2.46 -2.72
N GLY A 154 9.37 2.06 -1.62
CA GLY A 154 9.03 0.82 -0.90
C GLY A 154 7.97 0.95 0.18
N HIS A 155 7.61 2.18 0.52
CA HIS A 155 6.54 2.47 1.50
C HIS A 155 6.84 1.76 2.81
N GLN A 156 8.06 1.97 3.29
CA GLN A 156 8.57 1.27 4.46
C GLN A 156 9.71 2.08 5.05
N ALA A 157 9.70 2.23 6.38
CA ALA A 157 10.78 2.87 7.10
C ALA A 157 11.11 2.00 8.28
N VAL A 158 12.39 1.76 8.53
CA VAL A 158 12.79 0.90 9.63
C VAL A 158 13.45 1.82 10.66
N VAL A 159 12.79 2.03 11.78
CA VAL A 159 13.30 2.92 12.82
C VAL A 159 14.11 2.12 13.81
N VAL A 160 15.38 2.49 13.98
CA VAL A 160 16.29 1.81 14.89
C VAL A 160 16.80 2.86 15.88
N GLU A 161 17.49 2.44 16.92
CA GLU A 161 17.79 3.38 18.02
C GLU A 161 19.03 4.22 17.71
N GLY A 162 20.10 3.59 17.22
CA GLY A 162 21.38 4.30 17.04
C GLY A 162 22.03 4.33 15.66
N TYR A 163 23.16 5.04 15.61
CA TYR A 163 23.96 5.21 14.39
C TYR A 163 24.51 3.88 13.86
N THR A 164 25.04 3.04 14.74
CA THR A 164 25.62 1.75 14.31
C THR A 164 24.53 0.79 13.86
N ASP A 165 23.35 0.90 14.47
CA ASP A 165 22.20 0.14 14.02
C ASP A 165 21.82 0.52 12.59
N VAL A 166 21.85 1.81 12.29
CA VAL A 166 21.57 2.30 10.92
C VAL A 166 22.60 1.73 9.95
N MET A 167 23.88 1.88 10.31
CA MET A 167 24.97 1.33 9.51
C MET A 167 24.83 -0.18 9.30
N ALA A 168 24.54 -0.90 10.38
CA ALA A 168 24.36 -2.36 10.30
C ALA A 168 23.22 -2.75 9.38
N MET A 169 22.12 -1.98 9.45
CA MET A 169 20.95 -2.26 8.62
C MET A 169 21.21 -2.00 7.14
N HIS A 170 21.85 -0.88 6.85
CA HIS A 170 22.14 -0.53 5.46
C HIS A 170 23.12 -1.52 4.83
N LEU A 171 24.16 -1.91 5.58
CA LEU A 171 25.10 -2.95 5.13
C LEU A 171 24.46 -4.32 4.92
N ALA A 172 23.44 -4.65 5.71
CA ALA A 172 22.65 -5.89 5.52
C ALA A 172 21.57 -5.79 4.43
N GLY A 173 21.44 -4.66 3.74
CA GLY A 173 20.51 -4.51 2.63
C GLY A 173 19.15 -3.91 2.99
N VAL A 174 18.92 -3.64 4.28
CA VAL A 174 17.73 -2.93 4.74
C VAL A 174 17.98 -1.42 4.56
N THR A 175 17.72 -0.93 3.35
CA THR A 175 18.04 0.44 2.98
C THR A 175 17.02 1.47 3.45
N THR A 176 15.97 1.04 4.14
CA THR A 176 14.96 1.94 4.68
C THR A 176 15.19 2.32 6.16
N ALA A 177 16.37 2.00 6.71
CA ALA A 177 16.65 2.21 8.14
C ALA A 177 17.09 3.64 8.45
N VAL A 178 16.49 4.22 9.49
CA VAL A 178 16.81 5.56 9.96
C VAL A 178 16.84 5.56 11.48
N ALA A 179 17.31 6.65 12.07
CA ALA A 179 17.35 6.79 13.52
C ALA A 179 17.31 8.24 13.96
N SER A 180 16.71 8.49 15.12
CA SER A 180 16.77 9.79 15.74
C SER A 180 18.13 9.94 16.41
N CYS A 181 18.53 11.18 16.61
CA CYS A 181 19.86 11.55 17.11
C CYS A 181 19.73 12.26 18.44
N GLY A 182 20.27 11.67 19.49
CA GLY A 182 20.35 12.30 20.81
C GLY A 182 19.10 12.14 21.65
N THR A 183 17.94 12.48 21.08
CA THR A 183 16.65 12.37 21.75
C THR A 183 15.80 11.24 21.18
N ALA A 184 14.60 11.09 21.74
CA ALA A 184 13.65 10.09 21.32
C ALA A 184 12.95 10.46 20.03
N PHE A 185 12.54 9.42 19.32
CA PHE A 185 11.74 9.52 18.11
C PHE A 185 10.35 10.07 18.48
N GLY A 186 10.04 11.29 18.05
CA GLY A 186 8.74 11.95 18.33
C GLY A 186 7.90 12.29 17.11
N GLY A 187 6.92 13.15 17.32
CA GLY A 187 5.87 13.45 16.32
C GLY A 187 6.33 13.94 14.96
N GLU A 188 7.39 14.76 14.93
CA GLU A 188 7.86 15.37 13.69
C GLU A 188 8.62 14.36 12.84
N HIS A 189 9.39 13.50 13.48
CA HIS A 189 10.05 12.39 12.78
C HIS A 189 9.02 11.49 12.12
N LEU A 190 7.98 11.17 12.90
CA LEU A 190 6.90 10.30 12.49
C LEU A 190 6.12 10.88 11.30
N ALA A 191 5.74 12.15 11.41
CA ALA A 191 4.96 12.82 10.38
C ALA A 191 5.76 13.01 9.11
N MET A 192 7.08 13.14 9.25
CA MET A 192 7.96 13.23 8.10
C MET A 192 8.00 11.88 7.36
N LEU A 193 8.24 10.80 8.10
CA LEU A 193 8.30 9.46 7.51
C LEU A 193 6.95 9.02 6.91
N ARG A 194 5.86 9.31 7.61
CA ARG A 194 4.51 9.10 7.08
C ARG A 194 4.36 9.76 5.69
N ARG A 195 4.73 11.04 5.62
CA ARG A 195 4.70 11.81 4.36
C ARG A 195 5.53 11.16 3.27
N LEU A 196 6.77 10.86 3.61
CA LEU A 196 7.71 10.29 2.67
C LEU A 196 7.20 8.99 2.03
N MET A 197 6.63 8.10 2.86
CA MET A 197 6.10 6.81 2.40
C MET A 197 4.85 6.91 1.52
N MET A 198 4.20 8.08 1.52
CA MET A 198 3.11 8.33 0.57
C MET A 198 3.55 8.39 -0.89
N ASP A 199 4.84 8.60 -1.15
CA ASP A 199 5.39 8.68 -2.51
C ASP A 199 4.66 9.70 -3.39
N ASP A 200 4.43 10.89 -2.82
CA ASP A 200 3.69 11.97 -3.47
C ASP A 200 2.35 11.49 -4.02
N SER A 201 1.70 10.63 -3.24
CA SER A 201 0.50 9.93 -3.67
C SER A 201 -0.38 9.51 -2.47
N PHE A 202 -0.98 8.32 -2.52
CA PHE A 202 -2.02 7.90 -1.58
C PHE A 202 -1.61 6.66 -0.76
N PHE A 203 -0.32 6.36 -0.69
CA PHE A 203 0.13 5.07 -0.16
C PHE A 203 0.25 5.06 1.37
N ARG A 204 -0.37 4.06 1.98
CA ARG A 204 -0.07 3.69 3.35
C ARG A 204 1.21 2.88 3.30
N GLY A 205 2.14 3.21 4.16
CA GLY A 205 3.40 2.48 4.26
C GLY A 205 3.60 1.98 5.67
N GLU A 206 4.35 0.90 5.80
CA GLU A 206 4.53 0.24 7.09
C GLU A 206 5.73 0.83 7.83
N LEU A 207 5.49 1.29 9.04
CA LEU A 207 6.53 1.85 9.89
C LEU A 207 6.99 0.75 10.83
N ILE A 208 8.28 0.46 10.86
CA ILE A 208 8.78 -0.71 11.58
C ILE A 208 9.77 -0.25 12.66
N TYR A 209 9.34 -0.35 13.92
CA TYR A 209 10.19 -0.05 15.06
C TYR A 209 11.04 -1.27 15.39
N VAL A 210 12.31 -1.05 15.66
CA VAL A 210 13.24 -2.11 16.06
C VAL A 210 13.84 -1.70 17.39
N PHE A 211 13.51 -2.43 18.44
CA PHE A 211 13.92 -2.10 19.81
C PHE A 211 15.03 -3.02 20.32
N ASP A 212 15.94 -2.45 21.14
CA ASP A 212 17.09 -3.19 21.71
C ASP A 212 16.66 -4.28 22.70
N GLY A 213 16.07 -3.86 23.83
CA GLY A 213 15.62 -4.78 24.88
C GLY A 213 14.12 -5.03 24.80
N ASP A 214 13.39 -4.44 25.74
CA ASP A 214 11.94 -4.70 25.88
C ASP A 214 11.12 -3.61 26.60
N GLU A 215 11.74 -2.82 27.48
CA GLU A 215 11.08 -1.62 28.06
C GLU A 215 10.63 -0.62 26.97
N ALA A 216 11.41 -0.51 25.90
CA ALA A 216 11.03 0.29 24.73
C ALA A 216 9.85 -0.35 24.01
N GLY A 217 9.89 -1.68 23.87
CA GLY A 217 8.77 -2.45 23.34
C GLY A 217 7.50 -2.27 24.15
N ARG A 218 7.65 -2.32 25.48
CA ARG A 218 6.57 -2.05 26.44
C ARG A 218 6.00 -0.64 26.27
N ALA A 219 6.88 0.36 26.29
CA ALA A 219 6.48 1.77 26.11
C ALA A 219 5.68 1.97 24.81
N ALA A 220 6.16 1.37 23.72
CA ALA A 220 5.45 1.40 22.43
C ALA A 220 4.10 0.69 22.51
N ALA A 221 4.05 -0.42 23.24
CA ALA A 221 2.81 -1.18 23.46
C ALA A 221 1.73 -0.37 24.19
N LEU A 222 2.09 0.28 25.30
CA LEU A 222 1.15 1.11 26.06
C LEU A 222 0.52 2.24 25.23
N LYS A 223 1.34 2.93 24.44
CA LYS A 223 0.88 4.03 23.57
C LYS A 223 -0.03 3.59 22.42
N ALA A 224 0.02 2.31 22.05
CA ALA A 224 -0.61 1.80 20.82
C ALA A 224 -2.08 2.20 20.63
N PHE A 225 -2.84 2.19 21.72
CA PHE A 225 -4.29 2.44 21.67
C PHE A 225 -4.69 3.90 21.95
N ASP A 226 -3.71 4.78 22.13
CA ASP A 226 -3.97 6.13 22.64
C ASP A 226 -4.54 7.07 21.56
N GLY A 227 -5.66 7.72 21.88
CA GLY A 227 -6.29 8.69 20.99
C GLY A 227 -6.87 8.06 19.73
N GLU A 228 -6.99 8.88 18.70
CA GLU A 228 -7.26 8.40 17.35
C GLU A 228 -6.01 7.67 16.88
N GLN A 229 -6.21 6.53 16.26
CA GLN A 229 -5.16 5.52 16.15
C GLN A 229 -5.01 5.10 14.68
N LYS A 230 -4.68 6.10 13.86
CA LYS A 230 -4.59 5.94 12.42
C LYS A 230 -3.30 5.26 12.01
N LEU A 231 -2.18 5.75 12.55
CA LEU A 231 -0.86 5.20 12.22
C LEU A 231 -0.31 4.16 13.22
N ALA A 232 -1.07 3.85 14.27
CA ALA A 232 -0.81 2.63 15.06
C ALA A 232 -1.14 1.37 14.25
N GLY A 233 -2.20 1.43 13.45
CA GLY A 233 -2.57 0.35 12.52
C GLY A 233 -1.63 0.14 11.33
N GLN A 234 -0.75 1.10 11.04
CA GLN A 234 0.34 0.92 10.08
C GLN A 234 1.74 0.86 10.73
N SER A 235 1.79 0.61 12.04
CA SER A 235 3.03 0.49 12.77
C SER A 235 3.31 -0.97 13.09
N PHE A 236 4.58 -1.29 13.24
CA PHE A 236 5.06 -2.65 13.42
C PHE A 236 6.25 -2.64 14.37
N VAL A 237 6.48 -3.77 15.01
CA VAL A 237 7.54 -3.93 15.98
C VAL A 237 8.34 -5.19 15.65
N ALA A 238 9.66 -5.08 15.79
CA ALA A 238 10.58 -6.21 15.70
C ALA A 238 11.54 -6.12 16.88
N VAL A 239 11.83 -7.25 17.51
CA VAL A 239 12.81 -7.30 18.61
C VAL A 239 13.81 -8.40 18.32
N ALA A 240 15.06 -8.14 18.66
CA ALA A 240 16.14 -9.09 18.44
C ALA A 240 16.21 -10.05 19.63
N PRO A 241 16.67 -11.31 19.39
CA PRO A 241 16.83 -12.23 20.52
C PRO A 241 17.90 -11.80 21.51
N ASP A 242 17.68 -12.10 22.79
CA ASP A 242 18.68 -11.94 23.86
C ASP A 242 19.13 -10.48 24.10
N GLY A 243 18.25 -9.52 23.84
CA GLY A 243 18.49 -8.10 24.16
C GLY A 243 19.66 -7.41 23.44
N MET A 244 19.86 -7.74 22.17
CA MET A 244 20.96 -7.19 21.36
C MET A 244 20.41 -6.12 20.41
N ASP A 245 21.19 -5.06 20.19
CA ASP A 245 20.87 -4.10 19.13
C ASP A 245 21.19 -4.72 17.75
N PRO A 246 20.62 -4.16 16.66
CA PRO A 246 20.91 -4.63 15.29
C PRO A 246 22.39 -4.74 14.93
N CYS A 247 23.20 -3.80 15.39
CA CYS A 247 24.64 -3.85 15.18
C CYS A 247 25.24 -5.17 15.67
N ASP A 248 25.01 -5.49 16.94
CA ASP A 248 25.53 -6.73 17.52
C ASP A 248 24.84 -7.97 16.96
N LEU A 249 23.57 -7.85 16.61
CA LEU A 249 22.84 -8.95 15.97
C LEU A 249 23.59 -9.41 14.73
N ARG A 250 24.01 -8.45 13.92
CA ARG A 250 24.76 -8.71 12.70
C ARG A 250 26.15 -9.28 12.98
N LEU A 251 26.81 -8.79 14.03
CA LEU A 251 28.11 -9.32 14.47
C LEU A 251 28.10 -10.84 14.69
N LYS A 252 27.17 -11.29 15.52
CA LYS A 252 27.11 -12.70 15.91
C LYS A 252 26.41 -13.54 14.85
N CYS A 253 25.17 -13.18 14.50
CA CYS A 253 24.32 -14.00 13.64
C CYS A 253 24.29 -13.62 12.15
N GLY A 254 25.10 -12.64 11.73
CA GLY A 254 25.21 -12.27 10.31
C GLY A 254 24.10 -11.41 9.73
N ASP A 255 24.33 -10.95 8.49
CA ASP A 255 23.41 -10.04 7.77
C ASP A 255 22.00 -10.63 7.61
N ALA A 256 21.91 -11.94 7.42
CA ALA A 256 20.63 -12.62 7.20
C ALA A 256 19.65 -12.46 8.37
N ALA A 257 20.19 -12.45 9.59
CA ALA A 257 19.41 -12.19 10.82
C ALA A 257 18.70 -10.84 10.77
N LEU A 258 19.42 -9.81 10.30
CA LEU A 258 18.85 -8.46 10.14
C LEU A 258 17.73 -8.38 9.11
N ARG A 259 17.92 -8.98 7.94
CA ARG A 259 16.90 -8.98 6.90
C ARG A 259 15.61 -9.69 7.33
N ASP A 260 15.75 -10.73 8.17
CA ASP A 260 14.62 -11.51 8.67
C ASP A 260 14.08 -11.03 10.04
N LEU A 261 14.87 -10.26 10.78
CA LEU A 261 14.33 -9.48 11.90
C LEU A 261 13.21 -8.58 11.37
N VAL A 262 13.50 -7.87 10.29
CA VAL A 262 12.55 -6.95 9.66
C VAL A 262 11.39 -7.70 9.00
N ALA A 263 11.66 -8.86 8.40
CA ALA A 263 10.62 -9.67 7.76
C ALA A 263 9.62 -10.25 8.77
N ARG A 264 10.13 -10.72 9.91
CA ARG A 264 9.30 -11.32 10.97
C ARG A 264 8.73 -10.29 11.97
N ARG A 265 8.63 -9.03 11.56
CA ARG A 265 8.01 -8.00 12.41
C ARG A 265 6.51 -8.21 12.59
N THR A 266 5.98 -7.67 13.69
CA THR A 266 4.62 -7.94 14.14
C THR A 266 3.82 -6.62 14.16
N PRO A 267 2.54 -6.65 13.73
CA PRO A 267 1.74 -5.42 13.89
C PRO A 267 1.69 -4.93 15.34
N LEU A 268 1.71 -3.62 15.52
CA LEU A 268 1.78 -2.99 16.85
C LEU A 268 0.69 -3.43 17.84
N PHE A 269 -0.52 -3.66 17.32
CA PHE A 269 -1.61 -4.18 18.12
C PHE A 269 -1.41 -5.64 18.52
N GLU A 270 -0.93 -6.47 17.61
CA GLU A 270 -0.63 -7.86 17.95
C GLU A 270 0.48 -7.91 18.99
N PHE A 271 1.48 -7.05 18.85
CA PHE A 271 2.60 -7.02 19.79
C PHE A 271 2.11 -6.66 21.20
N ALA A 272 1.24 -5.67 21.29
CA ALA A 272 0.73 -5.21 22.58
C ALA A 272 -0.09 -6.30 23.25
N ILE A 273 -1.01 -6.89 22.48
CA ILE A 273 -1.88 -7.93 22.97
C ILE A 273 -1.06 -9.12 23.43
N ARG A 274 -0.14 -9.59 22.60
CA ARG A 274 0.64 -10.78 22.95
C ARG A 274 1.65 -10.53 24.08
N ALA A 275 2.08 -9.28 24.28
CA ALA A 275 2.94 -8.92 25.42
C ALA A 275 2.18 -9.01 26.76
N ALA A 276 0.90 -8.62 26.75
CA ALA A 276 0.01 -8.83 27.90
C ALA A 276 -0.23 -10.32 28.20
N ILE A 277 -0.40 -11.14 27.16
CA ILE A 277 -0.58 -12.60 27.31
C ILE A 277 0.67 -13.29 27.83
N ALA A 278 1.85 -12.81 27.44
CA ALA A 278 3.15 -13.38 27.86
C ALA A 278 3.44 -13.28 29.36
N GLU A 279 2.70 -12.44 30.08
CA GLU A 279 2.82 -12.30 31.55
C GLU A 279 1.84 -13.18 32.34
N MET A 280 1.06 -14.02 31.67
CA MET A 280 0.00 -14.79 32.32
C MET A 280 0.23 -16.29 32.18
N ASP A 281 -0.18 -17.05 33.20
CA ASP A 281 -0.09 -18.51 33.15
C ASP A 281 -1.17 -19.07 32.22
N LEU A 282 -0.72 -19.68 31.11
CA LEU A 282 -1.58 -20.31 30.10
C LEU A 282 -1.73 -21.83 30.29
N ASP A 283 -1.11 -22.39 31.31
CA ASP A 283 -1.04 -23.86 31.48
C ASP A 283 -2.35 -24.48 32.02
N SER A 284 -3.17 -23.68 32.72
CA SER A 284 -4.48 -24.14 33.22
C SER A 284 -5.63 -23.53 32.40
N ALA A 285 -6.81 -24.12 32.52
CA ALA A 285 -8.00 -23.66 31.78
C ALA A 285 -8.52 -22.34 32.34
N GLU A 286 -8.45 -22.15 33.65
CA GLU A 286 -8.92 -20.90 34.26
C GLU A 286 -7.97 -19.75 33.93
N GLY A 287 -6.68 -20.04 33.74
CA GLY A 287 -5.70 -19.07 33.26
C GLY A 287 -5.91 -18.66 31.79
N ARG A 288 -6.23 -19.63 30.95
CA ARG A 288 -6.71 -19.34 29.59
C ARG A 288 -7.88 -18.34 29.62
N VAL A 289 -8.86 -18.58 30.48
CA VAL A 289 -10.04 -17.72 30.60
C VAL A 289 -9.64 -16.32 31.09
N ALA A 290 -8.81 -16.25 32.12
CA ALA A 290 -8.32 -14.97 32.65
C ALA A 290 -7.54 -14.19 31.60
N ALA A 291 -6.81 -14.91 30.75
CA ALA A 291 -6.05 -14.32 29.65
C ALA A 291 -7.00 -13.69 28.64
N LEU A 292 -8.02 -14.46 28.26
CA LEU A 292 -9.09 -13.98 27.39
C LEU A 292 -9.76 -12.74 27.99
N ARG A 293 -10.04 -12.77 29.29
CA ARG A 293 -10.64 -11.64 29.97
C ARG A 293 -9.78 -10.38 30.01
N ARG A 294 -8.46 -10.52 30.04
CA ARG A 294 -7.57 -9.34 29.94
C ARG A 294 -7.44 -8.79 28.52
N CYS A 295 -7.66 -9.64 27.52
CA CYS A 295 -7.45 -9.24 26.12
C CYS A 295 -8.65 -8.63 25.40
N VAL A 296 -9.89 -9.08 25.71
CA VAL A 296 -11.07 -8.48 25.02
C VAL A 296 -11.25 -6.98 25.32
N PRO A 297 -10.93 -6.53 26.54
CA PRO A 297 -10.87 -5.08 26.75
C PRO A 297 -9.88 -4.35 25.83
N MET A 298 -8.70 -4.94 25.61
CA MET A 298 -7.70 -4.33 24.72
C MET A 298 -8.22 -4.30 23.30
N VAL A 299 -8.72 -5.44 22.83
CA VAL A 299 -9.28 -5.54 21.48
C VAL A 299 -10.41 -4.51 21.32
N GLY A 300 -11.28 -4.41 22.31
CA GLY A 300 -12.36 -3.40 22.36
C GLY A 300 -11.91 -1.95 22.26
N GLN A 301 -10.73 -1.64 22.80
CA GLN A 301 -10.08 -0.35 22.58
C GLN A 301 -9.73 -0.03 21.12
N ILE A 302 -9.68 -1.04 20.23
CA ILE A 302 -9.38 -0.79 18.81
C ILE A 302 -10.60 -0.20 18.10
N LYS A 303 -10.45 1.03 17.61
CA LYS A 303 -11.57 1.81 17.07
C LYS A 303 -12.02 1.34 15.70
N ASP A 304 -11.06 0.91 14.87
CA ASP A 304 -11.33 0.46 13.52
C ASP A 304 -12.04 -0.90 13.52
N PRO A 305 -13.29 -0.96 13.04
CA PRO A 305 -14.08 -2.19 13.23
C PRO A 305 -13.49 -3.43 12.54
N THR A 306 -12.76 -3.24 11.45
CA THR A 306 -12.15 -4.34 10.70
C THR A 306 -10.96 -4.96 11.44
N LEU A 307 -10.04 -4.11 11.91
CA LEU A 307 -8.93 -4.57 12.74
C LEU A 307 -9.41 -5.24 14.01
N ARG A 308 -10.37 -4.63 14.70
CA ARG A 308 -10.89 -5.20 15.95
C ARG A 308 -11.34 -6.64 15.73
N ASP A 309 -12.16 -6.85 14.69
CA ASP A 309 -12.64 -8.19 14.35
C ASP A 309 -11.50 -9.16 13.98
N GLU A 310 -10.50 -8.68 13.24
CA GLU A 310 -9.38 -9.55 12.86
C GLU A 310 -8.55 -9.98 14.07
N TYR A 311 -8.32 -9.06 15.01
CA TYR A 311 -7.59 -9.39 16.25
C TYR A 311 -8.43 -10.27 17.17
N ALA A 312 -9.70 -9.94 17.30
CA ALA A 312 -10.65 -10.75 18.08
C ALA A 312 -10.72 -12.20 17.61
N ARG A 313 -10.56 -12.42 16.32
CA ARG A 313 -10.60 -13.75 15.69
C ARG A 313 -9.40 -14.61 16.07
N GLN A 314 -8.27 -13.96 16.34
CA GLN A 314 -7.02 -14.63 16.65
C GLN A 314 -6.76 -14.79 18.14
N LEU A 315 -7.62 -14.22 18.99
CA LEU A 315 -7.39 -14.21 20.43
C LEU A 315 -7.36 -15.61 21.04
N ALA A 316 -8.26 -16.50 20.58
CA ALA A 316 -8.32 -17.90 21.04
C ALA A 316 -6.99 -18.62 20.83
N GLY A 317 -6.46 -18.51 19.62
CA GLY A 317 -5.14 -19.04 19.29
C GLY A 317 -3.99 -18.51 20.11
N TRP A 318 -4.00 -17.21 20.41
CA TRP A 318 -2.89 -16.60 21.15
C TRP A 318 -2.88 -16.90 22.65
N VAL A 319 -4.04 -17.29 23.16
CA VAL A 319 -4.22 -17.70 24.55
C VAL A 319 -3.92 -19.22 24.70
N GLY A 320 -3.81 -19.95 23.59
CA GLY A 320 -3.58 -21.40 23.59
C GLY A 320 -4.85 -22.23 23.41
N TRP A 321 -5.80 -21.70 22.63
CA TRP A 321 -7.16 -22.24 22.39
C TRP A 321 -8.25 -21.97 23.49
N ALA A 322 -7.92 -21.29 24.58
CA ALA A 322 -8.89 -20.88 25.65
C ALA A 322 -9.54 -22.04 26.40
N HIS B 3 -34.89 23.83 -17.51
CA HIS B 3 -35.43 22.44 -17.59
C HIS B 3 -34.85 21.63 -18.78
N MET B 4 -35.03 22.14 -20.00
CA MET B 4 -34.85 21.33 -21.24
C MET B 4 -33.39 20.90 -21.46
N GLY B 5 -33.11 19.61 -21.28
CA GLY B 5 -31.78 19.04 -21.54
C GLY B 5 -30.75 19.16 -20.43
N SER B 6 -31.18 19.43 -19.20
CA SER B 6 -30.30 19.47 -18.02
C SER B 6 -29.93 18.06 -17.56
N ARG B 7 -28.92 17.97 -16.69
CA ARG B 7 -28.48 16.69 -16.15
C ARG B 7 -29.67 15.97 -15.50
N SER B 8 -30.38 16.68 -14.61
CA SER B 8 -31.49 16.08 -13.86
C SER B 8 -32.70 15.71 -14.72
N ARG B 9 -32.86 16.35 -15.87
CA ARG B 9 -33.99 16.05 -16.77
C ARG B 9 -33.75 14.75 -17.53
N LEU B 10 -32.57 14.61 -18.13
CA LEU B 10 -32.11 13.34 -18.73
C LEU B 10 -32.19 12.16 -17.73
N LEU B 11 -31.72 12.36 -16.50
CA LEU B 11 -31.84 11.36 -15.41
C LEU B 11 -33.28 10.96 -15.06
N ALA B 12 -34.22 11.91 -15.18
CA ALA B 12 -35.64 11.62 -15.01
C ALA B 12 -36.20 10.78 -16.17
N ALA B 13 -35.65 11.01 -17.37
CA ALA B 13 -36.01 10.24 -18.57
C ALA B 13 -35.55 8.79 -18.49
N ASN B 14 -34.28 8.59 -18.15
CA ASN B 14 -33.71 7.24 -17.95
C ASN B 14 -34.36 6.52 -16.77
N ALA B 15 -34.69 7.26 -15.71
CA ALA B 15 -35.44 6.70 -14.59
C ALA B 15 -36.81 6.22 -15.05
N ALA B 16 -37.43 7.02 -15.92
CA ALA B 16 -38.70 6.66 -16.52
C ALA B 16 -38.59 5.46 -17.47
N ALA B 17 -37.56 5.47 -18.33
CA ALA B 17 -37.28 4.36 -19.25
C ALA B 17 -37.09 3.01 -18.55
N ALA B 18 -36.28 2.99 -17.49
CA ALA B 18 -36.02 1.76 -16.72
C ALA B 18 -37.27 1.20 -16.04
N ALA B 19 -38.16 2.07 -15.59
CA ALA B 19 -39.42 1.65 -14.98
C ALA B 19 -40.35 1.01 -16.02
N PHE B 20 -40.35 1.55 -17.24
CA PHE B 20 -41.11 0.97 -18.36
C PHE B 20 -40.57 -0.40 -18.75
N TYR B 21 -39.28 -0.46 -19.03
CA TYR B 21 -38.62 -1.72 -19.40
C TYR B 21 -38.79 -2.80 -18.32
N ALA B 22 -38.73 -2.42 -17.05
CA ALA B 22 -39.02 -3.34 -15.95
C ALA B 22 -40.40 -3.98 -16.10
N GLN B 23 -41.41 -3.15 -16.30
CA GLN B 23 -42.79 -3.60 -16.56
C GLN B 23 -42.85 -4.52 -17.79
N ALA B 24 -42.19 -4.10 -18.88
CA ALA B 24 -42.17 -4.88 -20.13
C ALA B 24 -41.59 -6.32 -20.02
N LEU B 25 -40.73 -6.57 -19.03
CA LEU B 25 -40.28 -7.94 -18.71
C LEU B 25 -41.45 -8.82 -18.27
N GLN B 26 -42.52 -8.19 -17.76
CA GLN B 26 -43.78 -8.88 -17.44
C GLN B 26 -44.76 -8.80 -18.62
N SER B 27 -44.33 -9.29 -19.79
CA SER B 27 -45.20 -9.42 -20.97
C SER B 27 -45.05 -10.80 -21.61
N ASP B 28 -45.92 -11.09 -22.58
CA ASP B 28 -45.94 -12.40 -23.24
C ASP B 28 -44.75 -12.62 -24.17
N GLU B 29 -44.37 -11.59 -24.93
CA GLU B 29 -43.21 -11.68 -25.84
C GLU B 29 -41.86 -11.66 -25.12
N ALA B 30 -41.83 -11.15 -23.88
CA ALA B 30 -40.62 -11.10 -23.06
C ALA B 30 -40.25 -12.45 -22.40
N ALA B 31 -41.05 -13.50 -22.60
CA ALA B 31 -40.78 -14.85 -22.09
C ALA B 31 -39.32 -15.33 -22.24
N PRO B 32 -38.71 -15.21 -23.43
CA PRO B 32 -37.30 -15.65 -23.58
C PRO B 32 -36.26 -14.87 -22.74
N ALA B 33 -36.56 -13.60 -22.41
CA ALA B 33 -35.73 -12.83 -21.48
C ALA B 33 -35.83 -13.38 -20.06
N ARG B 34 -37.05 -13.68 -19.61
CA ARG B 34 -37.27 -14.31 -18.30
C ARG B 34 -36.62 -15.69 -18.23
N GLN B 35 -36.70 -16.43 -19.34
CA GLN B 35 -36.13 -17.77 -19.41
C GLN B 35 -34.61 -17.71 -19.28
N TYR B 36 -34.00 -16.80 -20.03
CA TYR B 36 -32.57 -16.50 -19.93
C TYR B 36 -32.14 -16.27 -18.48
N LEU B 37 -32.95 -15.51 -17.74
CA LEU B 37 -32.72 -15.30 -16.32
C LEU B 37 -32.85 -16.57 -15.48
N THR B 38 -33.97 -17.29 -15.59
CA THR B 38 -34.21 -18.51 -14.78
C THR B 38 -33.26 -19.64 -15.17
N GLU B 39 -32.96 -19.76 -16.46
CA GLU B 39 -31.96 -20.69 -16.98
C GLU B 39 -30.65 -20.64 -16.21
N ARG B 40 -30.26 -19.47 -15.72
CA ARG B 40 -29.07 -19.32 -14.84
C ARG B 40 -29.41 -18.83 -13.43
N SER B 41 -30.54 -19.31 -12.92
CA SER B 41 -30.91 -19.26 -11.51
C SER B 41 -31.13 -17.86 -10.89
N PHE B 42 -31.56 -16.91 -11.70
CA PHE B 42 -31.95 -15.58 -11.21
C PHE B 42 -33.47 -15.50 -11.15
N ASP B 43 -34.04 -15.43 -9.94
CA ASP B 43 -35.49 -15.44 -9.73
C ASP B 43 -36.13 -14.05 -9.92
N ALA B 44 -37.45 -13.96 -9.74
CA ALA B 44 -38.18 -12.68 -9.90
C ALA B 44 -37.75 -11.58 -8.91
N ALA B 45 -37.39 -11.98 -7.69
CA ALA B 45 -36.83 -11.06 -6.70
C ALA B 45 -35.48 -10.47 -7.13
N ALA B 46 -34.66 -11.33 -7.76
CA ALA B 46 -33.35 -10.92 -8.27
C ALA B 46 -33.46 -9.96 -9.46
N ALA B 47 -34.24 -10.35 -10.46
CA ALA B 47 -34.51 -9.50 -11.64
C ALA B 47 -35.00 -8.11 -11.26
N ARG B 48 -35.81 -8.02 -10.21
CA ARG B 48 -36.30 -6.74 -9.68
C ARG B 48 -35.20 -5.95 -8.98
N LYS B 49 -34.36 -6.65 -8.22
CA LYS B 49 -33.25 -6.02 -7.48
C LYS B 49 -32.20 -5.36 -8.39
N PHE B 50 -31.91 -6.00 -9.52
CA PHE B 50 -30.99 -5.45 -10.53
C PHE B 50 -31.69 -4.64 -11.62
N GLY B 51 -33.00 -4.39 -11.45
CA GLY B 51 -33.78 -3.59 -12.38
C GLY B 51 -33.91 -4.19 -13.78
N CYS B 52 -33.82 -5.51 -13.91
CA CYS B 52 -33.85 -6.17 -15.21
C CYS B 52 -35.16 -5.86 -15.95
N GLY B 53 -35.03 -5.48 -17.22
CA GLY B 53 -36.18 -5.15 -18.05
C GLY B 53 -36.09 -5.80 -19.41
N PHE B 54 -37.12 -5.57 -20.22
CA PHE B 54 -37.17 -6.05 -21.60
C PHE B 54 -37.49 -4.86 -22.49
N ALA B 55 -36.75 -4.72 -23.59
CA ALA B 55 -37.11 -3.75 -24.62
C ALA B 55 -38.04 -4.48 -25.59
N PRO B 56 -39.29 -4.00 -25.75
CA PRO B 56 -40.21 -4.72 -26.62
C PRO B 56 -39.96 -4.48 -28.10
N SER B 57 -40.62 -5.30 -28.91
CA SER B 57 -40.65 -5.14 -30.36
C SER B 57 -41.44 -3.90 -30.76
N GLY B 58 -41.46 -3.61 -32.07
CA GLY B 58 -42.09 -2.39 -32.58
C GLY B 58 -41.02 -1.34 -32.80
N TRP B 59 -41.46 -0.11 -33.05
CA TRP B 59 -40.56 0.99 -33.40
C TRP B 59 -40.30 1.95 -32.24
N ASP B 60 -41.36 2.43 -31.60
CA ASP B 60 -41.25 3.59 -30.70
C ASP B 60 -42.13 3.50 -29.44
N SER B 61 -42.18 2.31 -28.85
CA SER B 61 -42.99 2.07 -27.64
C SER B 61 -42.55 2.98 -26.49
N LEU B 62 -41.26 2.97 -26.20
CA LEU B 62 -40.67 3.82 -25.16
C LEU B 62 -40.71 5.30 -25.53
N THR B 63 -40.40 5.62 -26.78
CA THR B 63 -40.30 7.00 -27.21
C THR B 63 -41.63 7.76 -27.07
N LYS B 64 -42.71 7.13 -27.50
CA LYS B 64 -44.05 7.70 -27.33
C LYS B 64 -44.44 7.81 -25.85
N HIS B 65 -44.16 6.76 -25.06
CA HIS B 65 -44.42 6.73 -23.61
C HIS B 65 -43.88 7.98 -22.90
N LEU B 66 -42.62 8.30 -23.19
CA LEU B 66 -41.92 9.43 -22.56
C LEU B 66 -42.34 10.79 -23.14
N GLN B 67 -42.71 10.84 -24.42
CA GLN B 67 -43.36 12.03 -24.99
C GLN B 67 -44.73 12.28 -24.36
N ARG B 68 -45.54 11.23 -24.24
CA ARG B 68 -46.86 11.32 -23.58
C ARG B 68 -46.79 11.73 -22.09
N LYS B 69 -45.63 11.57 -21.45
CA LYS B 69 -45.40 12.12 -20.12
C LYS B 69 -44.44 13.32 -20.12
N GLY B 70 -44.45 14.10 -21.22
CA GLY B 70 -43.79 15.41 -21.25
C GLY B 70 -42.36 15.53 -21.73
N PHE B 71 -41.64 14.42 -21.90
CA PHE B 71 -40.25 14.46 -22.38
C PHE B 71 -40.19 14.71 -23.89
N GLU B 72 -39.56 15.81 -24.28
CA GLU B 72 -39.37 16.16 -25.69
C GLU B 72 -38.34 15.21 -26.34
N PHE B 73 -38.49 15.00 -27.65
CA PHE B 73 -37.61 14.10 -28.39
C PHE B 73 -36.12 14.49 -28.33
N GLU B 74 -35.83 15.80 -28.35
CA GLU B 74 -34.43 16.28 -28.25
C GLU B 74 -33.73 15.85 -26.95
N GLU B 75 -34.48 15.83 -25.86
CA GLU B 75 -33.98 15.35 -24.57
C GLU B 75 -33.66 13.84 -24.64
N LEU B 76 -34.58 13.08 -25.23
CA LEU B 76 -34.42 11.64 -25.35
C LEU B 76 -33.28 11.21 -26.28
N GLU B 77 -32.96 12.04 -27.27
CA GLU B 77 -31.81 11.76 -28.15
C GLU B 77 -30.48 11.95 -27.40
N ALA B 78 -30.36 13.06 -26.69
CA ALA B 78 -29.20 13.33 -25.84
C ALA B 78 -29.13 12.38 -24.63
N ALA B 79 -30.29 11.92 -24.14
CA ALA B 79 -30.35 10.89 -23.08
C ALA B 79 -29.82 9.53 -23.56
N GLY B 80 -30.00 9.24 -24.84
CA GLY B 80 -29.55 7.98 -25.46
C GLY B 80 -30.64 6.92 -25.58
N LEU B 81 -31.86 7.25 -25.17
CA LEU B 81 -33.00 6.34 -25.16
C LEU B 81 -33.72 6.18 -26.51
N SER B 82 -33.60 7.19 -27.37
CA SER B 82 -34.28 7.23 -28.68
C SER B 82 -33.33 7.77 -29.73
N ARG B 83 -33.64 7.47 -30.99
CA ARG B 83 -32.92 8.05 -32.13
C ARG B 83 -33.84 8.39 -33.29
N GLN B 84 -33.33 9.16 -34.24
CA GLN B 84 -34.10 9.60 -35.40
C GLN B 84 -34.10 8.51 -36.45
N GLY B 85 -35.30 8.08 -36.86
CA GLY B 85 -35.47 7.20 -38.02
C GLY B 85 -35.98 7.94 -39.24
N ARG B 86 -36.22 7.19 -40.33
CA ARG B 86 -36.67 7.78 -41.59
C ARG B 86 -38.06 8.44 -41.47
N HIS B 87 -38.99 7.74 -40.84
CA HIS B 87 -40.36 8.25 -40.63
C HIS B 87 -40.59 8.73 -39.19
N GLY B 88 -39.58 9.41 -38.63
CA GLY B 88 -39.67 10.02 -37.30
C GLY B 88 -38.94 9.25 -36.21
N PRO B 89 -39.32 9.49 -34.94
CA PRO B 89 -38.56 8.92 -33.82
C PRO B 89 -38.73 7.41 -33.66
N MET B 90 -37.71 6.77 -33.09
CA MET B 90 -37.75 5.35 -32.76
C MET B 90 -36.92 5.01 -31.52
N ASP B 91 -37.17 3.83 -30.94
CA ASP B 91 -36.40 3.34 -29.80
C ASP B 91 -35.00 2.94 -30.25
N ARG B 92 -34.03 3.06 -29.34
CA ARG B 92 -32.68 2.58 -29.59
C ARG B 92 -32.62 1.07 -29.40
N PHE B 93 -33.35 0.57 -28.40
CA PHE B 93 -33.31 -0.84 -28.01
C PHE B 93 -34.56 -1.57 -28.44
N HIS B 94 -34.38 -2.78 -28.97
CA HIS B 94 -35.47 -3.63 -29.47
C HIS B 94 -35.23 -5.08 -29.16
N ARG B 95 -36.24 -5.74 -28.56
CA ARG B 95 -36.28 -7.20 -28.38
C ARG B 95 -35.02 -7.75 -27.69
N ARG B 96 -34.63 -7.09 -26.60
CA ARG B 96 -33.46 -7.48 -25.83
C ARG B 96 -33.74 -7.46 -24.32
N LEU B 97 -33.04 -8.31 -23.58
CA LEU B 97 -33.02 -8.29 -22.12
C LEU B 97 -32.08 -7.16 -21.70
N LEU B 98 -32.57 -6.25 -20.86
CA LEU B 98 -31.87 -5.03 -20.50
C LEU B 98 -31.47 -5.04 -19.05
N TRP B 99 -30.30 -4.47 -18.79
CA TRP B 99 -29.83 -4.20 -17.43
C TRP B 99 -29.63 -2.70 -17.30
N PRO B 100 -30.32 -2.05 -16.32
CA PRO B 100 -30.01 -0.65 -16.06
C PRO B 100 -28.64 -0.46 -15.43
N ILE B 101 -27.91 0.49 -15.98
CA ILE B 101 -26.56 0.82 -15.56
C ILE B 101 -26.65 2.11 -14.75
N ARG B 102 -26.30 2.04 -13.47
CA ARG B 102 -26.53 3.15 -12.53
C ARG B 102 -25.27 3.84 -12.03
N THR B 103 -25.44 5.08 -11.60
CA THR B 103 -24.43 5.79 -10.83
C THR B 103 -24.35 5.15 -9.44
N SER B 104 -23.29 5.50 -8.72
CA SER B 104 -23.08 5.01 -7.35
C SER B 104 -24.21 5.44 -6.40
N ALA B 105 -24.86 6.57 -6.70
CA ALA B 105 -26.03 7.03 -5.94
C ALA B 105 -27.29 6.22 -6.21
N GLY B 106 -27.36 5.53 -7.35
CA GLY B 106 -28.52 4.71 -7.74
C GLY B 106 -29.37 5.27 -8.87
N GLU B 107 -28.86 6.28 -9.59
CA GLU B 107 -29.56 6.93 -10.68
C GLU B 107 -29.17 6.28 -12.00
N VAL B 108 -30.16 6.00 -12.85
CA VAL B 108 -29.92 5.31 -14.11
C VAL B 108 -29.31 6.29 -15.12
N VAL B 109 -28.21 5.86 -15.74
CA VAL B 109 -27.51 6.66 -16.75
C VAL B 109 -27.43 5.99 -18.14
N GLY B 110 -27.99 4.78 -18.26
CA GLY B 110 -27.90 3.99 -19.49
C GLY B 110 -28.33 2.55 -19.29
N PHE B 111 -28.22 1.75 -20.35
CA PHE B 111 -28.58 0.33 -20.30
C PHE B 111 -27.55 -0.53 -21.05
N GLY B 112 -27.43 -1.78 -20.62
CA GLY B 112 -26.76 -2.84 -21.40
C GLY B 112 -27.83 -3.80 -21.88
N ALA B 113 -27.72 -4.25 -23.13
CA ALA B 113 -28.80 -4.99 -23.78
C ALA B 113 -28.29 -6.26 -24.44
N ARG B 114 -28.80 -7.43 -24.01
CA ARG B 114 -28.41 -8.70 -24.62
C ARG B 114 -29.38 -9.18 -25.71
N ARG B 115 -28.79 -9.65 -26.81
CA ARG B 115 -29.51 -10.30 -27.91
C ARG B 115 -30.17 -11.58 -27.43
N LEU B 116 -31.45 -11.75 -27.75
CA LEU B 116 -32.22 -12.96 -27.40
C LEU B 116 -32.63 -13.79 -28.62
N PHE B 117 -33.10 -13.12 -29.67
CA PHE B 117 -33.69 -13.77 -30.83
C PHE B 117 -32.69 -13.88 -31.99
N ASP B 118 -32.68 -15.04 -32.65
CA ASP B 118 -31.74 -15.30 -33.77
C ASP B 118 -32.02 -14.46 -35.03
N ASP B 119 -33.27 -14.00 -35.21
CA ASP B 119 -33.67 -13.21 -36.39
C ASP B 119 -33.62 -11.68 -36.21
N ASP B 120 -33.04 -11.20 -35.10
CA ASP B 120 -32.93 -9.76 -34.83
C ASP B 120 -31.78 -9.19 -35.66
N ALA B 121 -32.07 -8.10 -36.40
CA ALA B 121 -31.11 -7.50 -37.35
C ALA B 121 -29.77 -7.13 -36.71
N MET B 122 -29.83 -6.58 -35.50
CA MET B 122 -28.63 -6.26 -34.71
C MET B 122 -28.00 -7.58 -34.27
N GLU B 123 -26.88 -7.92 -34.91
CA GLU B 123 -26.24 -9.24 -34.72
C GLU B 123 -25.22 -9.29 -33.57
N ALA B 124 -24.87 -8.12 -33.01
CA ALA B 124 -23.97 -8.04 -31.85
C ALA B 124 -24.63 -8.67 -30.62
N LYS B 125 -23.82 -9.27 -29.77
CA LYS B 125 -24.31 -9.99 -28.59
C LYS B 125 -24.80 -9.00 -27.53
N TYR B 126 -23.99 -7.97 -27.30
CA TYR B 126 -24.31 -6.89 -26.37
C TYR B 126 -24.26 -5.54 -27.09
N VAL B 127 -25.22 -4.68 -26.78
CA VAL B 127 -25.17 -3.27 -27.18
C VAL B 127 -25.47 -2.42 -25.95
N ASN B 128 -24.97 -1.19 -25.98
CA ASN B 128 -25.12 -0.27 -24.89
C ASN B 128 -25.64 1.08 -25.36
N THR B 129 -26.09 1.86 -24.39
CA THR B 129 -26.26 3.30 -24.52
C THR B 129 -24.97 3.91 -25.05
N PRO B 130 -25.05 4.81 -26.05
CA PRO B 130 -23.83 5.47 -26.55
C PRO B 130 -23.36 6.58 -25.60
N GLU B 131 -22.27 7.26 -25.97
CA GLU B 131 -21.73 8.36 -25.17
C GLU B 131 -22.75 9.48 -25.02
N THR B 132 -23.03 9.86 -23.77
CA THR B 132 -23.87 11.02 -23.49
C THR B 132 -23.28 11.87 -22.35
N LEU B 133 -23.97 12.94 -22.01
CA LEU B 133 -23.71 13.73 -20.81
C LEU B 133 -23.68 12.86 -19.55
N LEU B 134 -24.59 11.88 -19.49
CA LEU B 134 -24.67 10.91 -18.39
C LEU B 134 -23.77 9.69 -18.57
N TYR B 135 -23.90 9.01 -19.71
CA TYR B 135 -23.25 7.73 -19.94
C TYR B 135 -21.83 7.90 -20.46
N LYS B 136 -20.86 7.39 -19.70
CA LYS B 136 -19.46 7.39 -20.14
C LYS B 136 -18.89 5.98 -20.02
N LYS B 137 -18.81 5.30 -21.16
CA LYS B 137 -18.33 3.92 -21.29
C LYS B 137 -17.11 3.57 -20.41
N SER B 138 -16.17 4.50 -20.34
CA SER B 138 -14.89 4.29 -19.67
C SER B 138 -14.94 4.35 -18.14
N SER B 139 -15.97 4.98 -17.55
CA SER B 139 -16.10 5.08 -16.08
C SER B 139 -17.32 4.36 -15.46
N VAL B 140 -18.27 3.93 -16.28
CA VAL B 140 -19.53 3.39 -15.79
C VAL B 140 -19.34 1.91 -15.40
N MET B 141 -20.04 1.48 -14.34
CA MET B 141 -19.90 0.13 -13.82
C MET B 141 -21.23 -0.44 -13.34
N PHE B 142 -21.54 -1.65 -13.81
CA PHE B 142 -22.72 -2.36 -13.36
C PHE B 142 -22.49 -2.92 -11.97
N GLY B 143 -23.47 -2.74 -11.09
CA GLY B 143 -23.38 -3.21 -9.73
C GLY B 143 -22.84 -2.20 -8.75
N ILE B 144 -22.24 -1.11 -9.24
CA ILE B 144 -21.58 -0.14 -8.36
C ILE B 144 -22.53 0.48 -7.33
N ASP B 145 -23.79 0.65 -7.71
CA ASP B 145 -24.84 1.13 -6.77
C ASP B 145 -25.06 0.18 -5.59
N LEU B 146 -25.07 -1.12 -5.87
CA LEU B 146 -25.27 -2.13 -4.83
C LEU B 146 -23.97 -2.43 -4.07
N ALA B 147 -22.83 -2.10 -4.68
CA ALA B 147 -21.53 -2.41 -4.10
C ALA B 147 -20.93 -1.32 -3.22
N LYS B 148 -21.28 -0.05 -3.46
CA LYS B 148 -20.57 1.12 -2.86
C LYS B 148 -20.34 1.05 -1.35
N ARG B 149 -21.40 0.76 -0.61
CA ARG B 149 -21.34 0.70 0.85
C ARG B 149 -20.41 -0.38 1.34
N ASP B 150 -20.49 -1.55 0.69
CA ASP B 150 -19.72 -2.72 1.10
C ASP B 150 -18.26 -2.72 0.62
N ILE B 151 -17.93 -1.97 -0.45
CA ILE B 151 -16.51 -1.81 -0.82
C ILE B 151 -15.80 -0.86 0.15
N ALA B 152 -16.50 0.16 0.65
CA ALA B 152 -15.93 1.08 1.66
C ALA B 152 -15.80 0.42 3.04
N LYS B 153 -16.79 -0.37 3.43
CA LYS B 153 -16.78 -1.08 4.72
C LYS B 153 -15.76 -2.23 4.74
N GLY B 154 -15.79 -3.07 3.70
CA GLY B 154 -14.88 -4.22 3.61
C GLY B 154 -13.50 -3.95 3.02
N HIS B 155 -13.26 -2.75 2.52
CA HIS B 155 -11.98 -2.39 1.87
C HIS B 155 -11.66 -3.38 0.74
N GLN B 156 -12.63 -3.60 -0.14
CA GLN B 156 -12.57 -4.65 -1.13
C GLN B 156 -13.47 -4.32 -2.31
N ALA B 157 -12.92 -4.45 -3.52
CA ALA B 157 -13.72 -4.43 -4.74
C ALA B 157 -13.38 -5.69 -5.53
N VAL B 158 -14.38 -6.25 -6.20
CA VAL B 158 -14.26 -7.48 -6.97
C VAL B 158 -14.72 -7.16 -8.39
N VAL B 159 -13.79 -7.20 -9.34
CA VAL B 159 -14.09 -6.87 -10.70
C VAL B 159 -14.36 -8.17 -11.46
N VAL B 160 -15.56 -8.30 -12.03
CA VAL B 160 -15.94 -9.46 -12.86
C VAL B 160 -16.26 -8.99 -14.29
N GLU B 161 -16.48 -9.93 -15.21
CA GLU B 161 -16.56 -9.59 -16.65
C GLU B 161 -17.92 -9.02 -17.08
N GLY B 162 -19.01 -9.70 -16.75
CA GLY B 162 -20.33 -9.36 -17.27
C GLY B 162 -21.40 -9.11 -16.23
N TYR B 163 -22.62 -8.84 -16.73
CA TYR B 163 -23.79 -8.47 -15.93
C TYR B 163 -24.23 -9.65 -15.05
N THR B 164 -24.35 -10.83 -15.65
CA THR B 164 -24.76 -12.03 -14.91
C THR B 164 -23.69 -12.51 -13.91
N ASP B 165 -22.43 -12.14 -14.12
CA ASP B 165 -21.37 -12.40 -13.11
C ASP B 165 -21.54 -11.51 -11.87
N VAL B 166 -21.89 -10.24 -12.06
CA VAL B 166 -22.20 -9.35 -10.94
C VAL B 166 -23.43 -9.92 -10.20
N MET B 167 -24.46 -10.27 -10.96
CA MET B 167 -25.70 -10.78 -10.37
C MET B 167 -25.40 -12.00 -9.49
N ALA B 168 -24.71 -12.98 -10.07
CA ALA B 168 -24.32 -14.21 -9.36
C ALA B 168 -23.49 -13.94 -8.10
N MET B 169 -22.49 -13.07 -8.21
CA MET B 169 -21.64 -12.71 -7.07
C MET B 169 -22.44 -12.09 -5.93
N HIS B 170 -23.30 -11.13 -6.25
CA HIS B 170 -24.10 -10.42 -5.24
C HIS B 170 -25.15 -11.33 -4.58
N LEU B 171 -25.79 -12.20 -5.39
CA LEU B 171 -26.72 -13.19 -4.85
C LEU B 171 -26.03 -14.13 -3.86
N ALA B 172 -24.82 -14.57 -4.20
CA ALA B 172 -24.04 -15.42 -3.29
C ALA B 172 -23.33 -14.68 -2.14
N GLY B 173 -23.66 -13.42 -1.88
CA GLY B 173 -23.11 -12.67 -0.74
C GLY B 173 -21.84 -11.86 -0.99
N VAL B 174 -21.32 -11.91 -2.22
CA VAL B 174 -20.17 -11.09 -2.61
C VAL B 174 -20.74 -9.75 -3.07
N THR B 175 -21.10 -8.91 -2.11
CA THR B 175 -21.77 -7.64 -2.38
C THR B 175 -20.80 -6.53 -2.81
N THR B 176 -19.54 -6.87 -3.08
CA THR B 176 -18.54 -5.91 -3.55
C THR B 176 -18.25 -6.05 -5.05
N ALA B 177 -18.95 -6.95 -5.75
CA ALA B 177 -18.64 -7.23 -7.14
C ALA B 177 -19.20 -6.16 -8.09
N VAL B 178 -18.37 -5.76 -9.08
CA VAL B 178 -18.72 -4.78 -10.10
C VAL B 178 -18.11 -5.18 -11.44
N ALA B 179 -18.60 -4.57 -12.52
CA ALA B 179 -18.19 -4.93 -13.88
C ALA B 179 -18.22 -3.70 -14.79
N SER B 180 -17.23 -3.58 -15.68
CA SER B 180 -17.31 -2.60 -16.76
C SER B 180 -18.31 -3.10 -17.79
N CYS B 181 -18.96 -2.15 -18.46
CA CYS B 181 -20.06 -2.40 -19.39
C CYS B 181 -19.66 -2.13 -20.83
N GLY B 182 -19.59 -3.18 -21.65
CA GLY B 182 -19.30 -3.04 -23.09
C GLY B 182 -17.89 -2.62 -23.50
N THR B 183 -16.96 -2.59 -22.56
CA THR B 183 -15.56 -2.21 -22.82
C THR B 183 -14.65 -2.90 -21.81
N ALA B 184 -13.34 -2.75 -22.00
CA ALA B 184 -12.37 -3.27 -21.04
C ALA B 184 -12.39 -2.43 -19.75
N PHE B 185 -12.10 -3.08 -18.63
CA PHE B 185 -11.89 -2.40 -17.36
C PHE B 185 -10.56 -1.63 -17.45
N GLY B 186 -10.59 -0.33 -17.10
CA GLY B 186 -9.49 0.59 -17.40
C GLY B 186 -9.26 1.68 -16.36
N GLY B 187 -8.44 2.65 -16.73
CA GLY B 187 -7.92 3.65 -15.82
C GLY B 187 -8.93 4.34 -14.92
N GLU B 188 -10.04 4.79 -15.49
CA GLU B 188 -11.01 5.62 -14.74
C GLU B 188 -12.03 4.77 -13.97
N HIS B 189 -12.21 3.50 -14.37
CA HIS B 189 -12.90 2.50 -13.52
C HIS B 189 -12.09 2.25 -12.24
N LEU B 190 -10.79 2.04 -12.39
CA LEU B 190 -9.86 1.93 -11.25
C LEU B 190 -9.89 3.16 -10.37
N ALA B 191 -9.82 4.34 -11.00
CA ALA B 191 -9.80 5.61 -10.28
C ALA B 191 -11.03 5.78 -9.39
N MET B 192 -12.19 5.37 -9.89
CA MET B 192 -13.45 5.48 -9.15
C MET B 192 -13.51 4.51 -7.96
N LEU B 193 -13.04 3.28 -8.15
CA LEU B 193 -13.00 2.29 -7.06
C LEU B 193 -11.99 2.69 -6.00
N ARG B 194 -10.83 3.16 -6.46
CA ARG B 194 -9.78 3.74 -5.60
C ARG B 194 -10.32 4.85 -4.69
N ARG B 195 -11.13 5.75 -5.24
CA ARG B 195 -11.78 6.84 -4.50
C ARG B 195 -12.66 6.33 -3.33
N LEU B 196 -13.51 5.33 -3.61
CA LEU B 196 -14.38 4.70 -2.60
C LEU B 196 -13.61 4.00 -1.48
N MET B 197 -12.42 3.47 -1.81
CA MET B 197 -11.60 2.74 -0.84
C MET B 197 -10.54 3.59 -0.12
N MET B 198 -10.70 4.91 -0.18
CA MET B 198 -9.91 5.82 0.65
C MET B 198 -10.58 5.95 2.02
N ASP B 199 -9.81 5.78 3.09
CA ASP B 199 -10.18 6.35 4.40
C ASP B 199 -9.01 7.25 4.83
N ASP B 200 -9.33 8.49 5.20
CA ASP B 200 -8.35 9.58 5.28
C ASP B 200 -7.78 9.82 3.85
N SER B 201 -6.47 10.07 3.74
CA SER B 201 -5.81 10.22 2.44
C SER B 201 -5.08 8.95 1.97
N PHE B 202 -5.36 7.80 2.60
CA PHE B 202 -4.68 6.55 2.27
C PHE B 202 -5.59 5.64 1.44
N PHE B 203 -5.03 5.05 0.39
CA PHE B 203 -5.73 3.99 -0.32
C PHE B 203 -5.62 2.70 0.51
N ARG B 204 -6.78 2.13 0.86
CA ARG B 204 -6.86 0.94 1.70
C ARG B 204 -7.77 -0.09 1.08
N GLY B 205 -7.24 -1.27 0.81
CA GLY B 205 -8.04 -2.40 0.39
C GLY B 205 -7.42 -3.24 -0.70
N GLU B 206 -8.26 -4.06 -1.32
CA GLU B 206 -7.85 -5.04 -2.33
C GLU B 206 -8.70 -4.93 -3.60
N LEU B 207 -8.03 -4.96 -4.75
CA LEU B 207 -8.67 -5.10 -6.04
C LEU B 207 -8.54 -6.55 -6.44
N ILE B 208 -9.64 -7.30 -6.35
CA ILE B 208 -9.65 -8.72 -6.72
C ILE B 208 -10.26 -8.84 -8.10
N TYR B 209 -9.45 -9.17 -9.10
CA TYR B 209 -9.95 -9.41 -10.43
C TYR B 209 -10.31 -10.89 -10.51
N VAL B 210 -11.51 -11.17 -11.04
CA VAL B 210 -11.97 -12.53 -11.29
C VAL B 210 -12.08 -12.71 -12.80
N PHE B 211 -11.26 -13.58 -13.37
CA PHE B 211 -11.30 -13.89 -14.80
C PHE B 211 -11.89 -15.29 -15.03
N ASP B 212 -12.19 -15.57 -16.30
CA ASP B 212 -12.78 -16.85 -16.73
C ASP B 212 -12.11 -17.31 -18.03
N GLY B 213 -11.65 -18.56 -18.05
CA GLY B 213 -10.77 -19.05 -19.12
C GLY B 213 -9.37 -18.56 -18.85
N ASP B 214 -8.44 -19.48 -18.58
CA ASP B 214 -7.13 -19.11 -18.02
C ASP B 214 -6.23 -18.27 -18.96
N GLU B 215 -6.50 -18.30 -20.26
CA GLU B 215 -5.81 -17.41 -21.21
C GLU B 215 -6.23 -15.93 -21.07
N ALA B 216 -7.47 -15.68 -20.62
CA ALA B 216 -7.91 -14.32 -20.27
C ALA B 216 -7.24 -13.83 -18.98
N GLY B 217 -6.97 -14.75 -18.06
CA GLY B 217 -6.19 -14.49 -16.85
C GLY B 217 -4.71 -14.29 -17.10
N ARG B 218 -4.15 -15.03 -18.07
CA ARG B 218 -2.75 -14.86 -18.47
C ARG B 218 -2.49 -13.56 -19.25
N ALA B 219 -3.53 -12.96 -19.83
CA ALA B 219 -3.43 -11.64 -20.47
C ALA B 219 -3.15 -10.55 -19.43
N ALA B 220 -3.89 -10.59 -18.32
CA ALA B 220 -3.70 -9.64 -17.22
C ALA B 220 -2.36 -9.82 -16.50
N ALA B 221 -1.87 -11.06 -16.42
CA ALA B 221 -0.58 -11.39 -15.82
C ALA B 221 0.61 -10.77 -16.58
N LEU B 222 0.70 -11.07 -17.87
CA LEU B 222 1.75 -10.47 -18.72
C LEU B 222 1.62 -8.95 -18.87
N LYS B 223 0.43 -8.40 -18.60
CA LYS B 223 0.21 -6.95 -18.43
C LYS B 223 0.63 -6.38 -17.06
N ALA B 224 0.83 -7.23 -16.04
CA ALA B 224 0.92 -6.76 -14.64
C ALA B 224 2.17 -5.96 -14.29
N PHE B 225 3.21 -6.04 -15.12
CA PHE B 225 4.45 -5.28 -14.90
C PHE B 225 4.59 -4.02 -15.77
N ASP B 226 3.56 -3.68 -16.56
CA ASP B 226 3.72 -2.71 -17.67
C ASP B 226 3.97 -1.26 -17.24
N GLY B 227 3.00 -0.64 -16.58
CA GLY B 227 3.03 0.81 -16.33
C GLY B 227 3.87 1.22 -15.13
N GLU B 228 3.31 2.10 -14.31
CA GLU B 228 3.92 2.51 -13.04
C GLU B 228 3.65 1.50 -11.91
N GLN B 229 2.78 0.51 -12.16
CA GLN B 229 2.43 -0.52 -11.18
C GLN B 229 1.84 0.09 -9.90
N LYS B 230 1.08 1.17 -10.06
CA LYS B 230 0.46 1.91 -8.93
C LYS B 230 -0.23 1.01 -7.88
N LEU B 231 -1.24 0.26 -8.31
CA LEU B 231 -2.03 -0.58 -7.41
C LEU B 231 -1.64 -2.08 -7.45
N ALA B 232 -0.54 -2.42 -8.13
CA ALA B 232 -0.16 -3.82 -8.33
C ALA B 232 -0.01 -4.60 -7.02
N GLY B 233 0.61 -3.97 -6.03
CA GLY B 233 0.73 -4.55 -4.69
C GLY B 233 -0.57 -4.89 -3.99
N GLN B 234 -1.65 -4.17 -4.30
CA GLN B 234 -2.99 -4.45 -3.75
C GLN B 234 -3.98 -5.03 -4.78
N SER B 235 -3.44 -5.70 -5.81
CA SER B 235 -4.25 -6.28 -6.86
C SER B 235 -4.11 -7.79 -6.79
N PHE B 236 -5.22 -8.51 -6.90
CA PHE B 236 -5.24 -9.95 -6.72
C PHE B 236 -6.03 -10.60 -7.85
N VAL B 237 -5.81 -11.90 -8.03
CA VAL B 237 -6.42 -12.68 -9.08
C VAL B 237 -7.10 -13.89 -8.49
N ALA B 238 -8.25 -14.21 -9.04
CA ALA B 238 -8.99 -15.40 -8.72
C ALA B 238 -9.50 -15.93 -10.04
N VAL B 239 -9.35 -17.22 -10.27
CA VAL B 239 -9.75 -17.87 -11.53
C VAL B 239 -10.57 -19.12 -11.18
N ALA B 240 -11.68 -19.32 -11.88
CA ALA B 240 -12.57 -20.45 -11.59
C ALA B 240 -12.00 -21.73 -12.20
N PRO B 241 -12.43 -22.92 -11.69
CA PRO B 241 -12.09 -24.19 -12.33
C PRO B 241 -12.25 -24.09 -13.86
N ASP B 242 -11.16 -24.37 -14.57
CA ASP B 242 -10.95 -23.93 -15.97
C ASP B 242 -12.19 -23.95 -16.87
N GLY B 243 -12.39 -22.85 -17.62
CA GLY B 243 -13.56 -22.65 -18.46
C GLY B 243 -14.65 -21.81 -17.79
N MET B 244 -14.79 -21.94 -16.47
CA MET B 244 -15.93 -21.37 -15.75
C MET B 244 -15.78 -19.88 -15.39
N ASP B 245 -16.94 -19.25 -15.26
CA ASP B 245 -17.10 -17.86 -14.84
C ASP B 245 -18.03 -17.87 -13.61
N PRO B 246 -18.11 -16.74 -12.89
CA PRO B 246 -18.90 -16.74 -11.65
C PRO B 246 -20.37 -17.21 -11.79
N CYS B 247 -21.02 -16.83 -12.89
CA CYS B 247 -22.38 -17.28 -13.16
C CYS B 247 -22.47 -18.81 -13.29
N ASP B 248 -21.56 -19.39 -14.06
CA ASP B 248 -21.47 -20.87 -14.23
C ASP B 248 -21.06 -21.64 -12.97
N LEU B 249 -20.04 -21.14 -12.26
CA LEU B 249 -19.55 -21.73 -11.01
C LEU B 249 -20.67 -21.81 -9.96
N ARG B 250 -21.54 -20.80 -9.92
CA ARG B 250 -22.69 -20.78 -9.03
C ARG B 250 -23.73 -21.84 -9.38
N LEU B 251 -23.98 -22.05 -10.68
CA LEU B 251 -24.93 -23.09 -11.13
C LEU B 251 -24.48 -24.49 -10.75
N LYS B 252 -23.25 -24.84 -11.10
CA LYS B 252 -22.68 -26.13 -10.75
C LYS B 252 -22.51 -26.28 -9.24
N CYS B 253 -21.66 -25.44 -8.65
CA CYS B 253 -21.15 -25.67 -7.29
C CYS B 253 -21.78 -24.85 -6.17
N GLY B 254 -22.64 -23.89 -6.50
CA GLY B 254 -23.40 -23.14 -5.48
C GLY B 254 -22.74 -21.87 -4.98
N ASP B 255 -23.51 -21.11 -4.19
CA ASP B 255 -23.09 -19.82 -3.65
C ASP B 255 -21.74 -19.84 -2.94
N ALA B 256 -21.53 -20.86 -2.12
CA ALA B 256 -20.31 -20.98 -1.29
C ALA B 256 -19.03 -21.09 -2.11
N ALA B 257 -19.11 -21.74 -3.27
CA ALA B 257 -17.96 -21.83 -4.19
C ALA B 257 -17.46 -20.45 -4.65
N LEU B 258 -18.39 -19.50 -4.86
CA LEU B 258 -18.03 -18.13 -5.25
C LEU B 258 -17.31 -17.38 -4.15
N ARG B 259 -17.86 -17.42 -2.93
CA ARG B 259 -17.22 -16.79 -1.76
C ARG B 259 -15.79 -17.30 -1.58
N ASP B 260 -15.60 -18.62 -1.73
CA ASP B 260 -14.29 -19.25 -1.61
C ASP B 260 -13.35 -18.89 -2.78
N LEU B 261 -13.90 -18.75 -3.98
CA LEU B 261 -13.12 -18.20 -5.12
C LEU B 261 -12.53 -16.81 -4.82
N VAL B 262 -13.33 -15.93 -4.20
CA VAL B 262 -12.88 -14.58 -3.88
C VAL B 262 -11.92 -14.58 -2.70
N ALA B 263 -12.24 -15.33 -1.65
CA ALA B 263 -11.43 -15.36 -0.44
C ALA B 263 -10.04 -15.98 -0.65
N ARG B 264 -9.92 -16.91 -1.59
CA ARG B 264 -8.64 -17.60 -1.87
C ARG B 264 -7.90 -17.01 -3.08
N ARG B 265 -8.08 -15.71 -3.30
CA ARG B 265 -7.36 -14.93 -4.31
C ARG B 265 -5.84 -14.90 -4.06
N THR B 266 -5.07 -14.83 -5.14
CA THR B 266 -3.61 -14.83 -5.10
C THR B 266 -3.15 -13.42 -5.49
N PRO B 267 -2.08 -12.89 -4.84
CA PRO B 267 -1.60 -11.57 -5.29
C PRO B 267 -1.16 -11.58 -6.75
N LEU B 268 -1.33 -10.44 -7.42
CA LEU B 268 -1.14 -10.32 -8.88
C LEU B 268 0.25 -10.74 -9.37
N PHE B 269 1.30 -10.29 -8.71
CA PHE B 269 2.68 -10.68 -9.07
C PHE B 269 2.93 -12.17 -8.83
N GLU B 270 2.45 -12.67 -7.69
CA GLU B 270 2.62 -14.09 -7.36
C GLU B 270 1.97 -14.99 -8.42
N PHE B 271 0.77 -14.60 -8.87
CA PHE B 271 0.04 -15.32 -9.92
C PHE B 271 0.82 -15.32 -11.23
N ALA B 272 1.31 -14.14 -11.63
CA ALA B 272 2.13 -13.98 -12.84
C ALA B 272 3.39 -14.86 -12.81
N ILE B 273 4.13 -14.81 -11.70
CA ILE B 273 5.41 -15.51 -11.59
C ILE B 273 5.22 -17.02 -11.56
N ARG B 274 4.32 -17.48 -10.71
CA ARG B 274 4.05 -18.92 -10.55
C ARG B 274 3.39 -19.57 -11.76
N ALA B 275 2.55 -18.82 -12.48
CA ALA B 275 1.97 -19.30 -13.74
C ALA B 275 3.03 -19.52 -14.81
N ALA B 276 4.03 -18.64 -14.84
CA ALA B 276 5.19 -18.81 -15.72
C ALA B 276 6.12 -19.94 -15.25
N ILE B 277 6.20 -20.18 -13.94
CA ILE B 277 6.88 -21.37 -13.41
C ILE B 277 6.09 -22.65 -13.73
N ALA B 278 4.75 -22.59 -13.70
CA ALA B 278 3.87 -23.75 -14.00
C ALA B 278 4.10 -24.39 -15.37
N GLU B 279 4.39 -23.57 -16.38
CA GLU B 279 4.62 -24.08 -17.75
C GLU B 279 6.08 -24.56 -17.99
N MET B 280 6.70 -25.13 -16.95
CA MET B 280 8.13 -25.43 -16.94
C MET B 280 8.40 -26.74 -16.19
N ASP B 281 9.54 -27.37 -16.47
CA ASP B 281 9.91 -28.64 -15.84
C ASP B 281 10.81 -28.36 -14.63
N LEU B 282 10.31 -28.59 -13.42
CA LEU B 282 11.05 -28.32 -12.20
C LEU B 282 11.81 -29.54 -11.61
N ASP B 283 11.92 -30.64 -12.35
CA ASP B 283 12.46 -31.89 -11.80
C ASP B 283 13.91 -32.20 -12.20
N SER B 284 14.60 -31.23 -12.80
CA SER B 284 16.02 -31.37 -13.17
C SER B 284 16.73 -30.04 -12.93
N ALA B 285 18.06 -30.08 -12.92
CA ALA B 285 18.87 -28.86 -12.82
C ALA B 285 18.64 -27.92 -14.01
N GLU B 286 18.51 -28.49 -15.21
CA GLU B 286 18.34 -27.72 -16.45
C GLU B 286 17.03 -26.92 -16.46
N GLY B 287 15.93 -27.57 -16.10
CA GLY B 287 14.61 -26.92 -16.09
C GLY B 287 14.43 -25.95 -14.93
N ARG B 288 15.03 -26.30 -13.80
CA ARG B 288 15.29 -25.38 -12.67
C ARG B 288 15.92 -24.07 -13.14
N VAL B 289 17.03 -24.20 -13.85
CA VAL B 289 17.80 -23.08 -14.36
C VAL B 289 17.01 -22.26 -15.36
N ALA B 290 16.34 -22.95 -16.29
CA ALA B 290 15.52 -22.28 -17.30
C ALA B 290 14.42 -21.45 -16.67
N ALA B 291 13.76 -22.03 -15.66
CA ALA B 291 12.70 -21.36 -14.92
C ALA B 291 13.18 -20.07 -14.26
N LEU B 292 14.33 -20.11 -13.59
CA LEU B 292 14.90 -18.90 -12.96
C LEU B 292 15.30 -17.87 -14.00
N ARG B 293 15.81 -18.35 -15.13
CA ARG B 293 16.17 -17.49 -16.24
C ARG B 293 14.99 -16.63 -16.74
N ARG B 294 13.77 -17.12 -16.60
CA ARG B 294 12.59 -16.42 -17.08
C ARG B 294 11.82 -15.66 -15.98
N CYS B 295 11.89 -16.12 -14.73
CA CYS B 295 11.19 -15.43 -13.63
C CYS B 295 12.04 -14.42 -12.83
N VAL B 296 13.37 -14.55 -12.84
CA VAL B 296 14.20 -13.53 -12.22
C VAL B 296 14.03 -12.18 -12.94
N PRO B 297 13.97 -12.19 -14.29
CA PRO B 297 13.63 -10.93 -14.99
C PRO B 297 12.28 -10.31 -14.61
N MET B 298 11.27 -11.14 -14.31
CA MET B 298 9.95 -10.66 -13.88
C MET B 298 10.03 -9.93 -12.55
N VAL B 299 10.75 -10.52 -11.60
CA VAL B 299 11.01 -9.88 -10.30
C VAL B 299 11.86 -8.61 -10.49
N GLY B 300 12.81 -8.66 -11.42
CA GLY B 300 13.57 -7.47 -11.84
C GLY B 300 12.75 -6.23 -12.16
N GLN B 301 11.58 -6.43 -12.76
CA GLN B 301 10.70 -5.32 -13.20
C GLN B 301 9.82 -4.71 -12.10
N ILE B 302 9.74 -5.35 -10.93
CA ILE B 302 8.93 -4.84 -9.83
C ILE B 302 9.59 -3.59 -9.26
N LYS B 303 8.90 -2.46 -9.37
CA LYS B 303 9.47 -1.15 -9.06
C LYS B 303 9.53 -0.85 -7.57
N ASP B 304 8.57 -1.40 -6.82
CA ASP B 304 8.54 -1.30 -5.37
C ASP B 304 9.60 -2.23 -4.77
N PRO B 305 10.69 -1.67 -4.18
CA PRO B 305 11.79 -2.52 -3.66
C PRO B 305 11.41 -3.48 -2.52
N THR B 306 10.43 -3.13 -1.69
CA THR B 306 9.92 -4.04 -0.66
C THR B 306 9.28 -5.28 -1.27
N LEU B 307 8.44 -5.05 -2.28
CA LEU B 307 7.73 -6.10 -2.98
C LEU B 307 8.67 -6.97 -3.80
N ARG B 308 9.63 -6.34 -4.49
CA ARG B 308 10.65 -7.05 -5.24
C ARG B 308 11.43 -8.00 -4.35
N ASP B 309 11.89 -7.50 -3.20
CA ASP B 309 12.65 -8.35 -2.27
C ASP B 309 11.81 -9.53 -1.79
N GLU B 310 10.55 -9.28 -1.46
CA GLU B 310 9.65 -10.32 -1.01
C GLU B 310 9.51 -11.47 -2.03
N TYR B 311 9.41 -11.15 -3.32
CA TYR B 311 9.33 -12.17 -4.37
C TYR B 311 10.66 -12.82 -4.68
N ALA B 312 11.74 -12.05 -4.63
CA ALA B 312 13.11 -12.58 -4.81
C ALA B 312 13.47 -13.62 -3.77
N ARG B 313 13.03 -13.37 -2.53
CA ARG B 313 13.22 -14.30 -1.41
C ARG B 313 12.61 -15.69 -1.68
N GLN B 314 11.44 -15.73 -2.32
CA GLN B 314 10.65 -16.96 -2.49
C GLN B 314 10.90 -17.74 -3.79
N LEU B 315 11.67 -17.19 -4.73
CA LEU B 315 11.80 -17.80 -6.05
C LEU B 315 12.41 -19.18 -6.02
N ALA B 316 13.51 -19.30 -5.29
CA ALA B 316 14.24 -20.56 -5.19
C ALA B 316 13.35 -21.66 -4.63
N GLY B 317 12.60 -21.33 -3.58
CA GLY B 317 11.59 -22.23 -3.03
C GLY B 317 10.54 -22.68 -4.03
N TRP B 318 10.10 -21.79 -4.92
CA TRP B 318 9.08 -22.11 -5.94
C TRP B 318 9.57 -22.99 -7.08
N VAL B 319 10.83 -22.85 -7.49
CA VAL B 319 11.38 -23.75 -8.50
C VAL B 319 11.91 -25.05 -7.89
N GLY B 320 12.06 -25.08 -6.57
CA GLY B 320 12.44 -26.30 -5.86
C GLY B 320 13.89 -26.36 -5.39
N TRP B 321 14.65 -25.29 -5.63
CA TRP B 321 16.07 -25.21 -5.25
C TRP B 321 16.29 -25.00 -3.75
N ALA B 322 15.25 -24.64 -3.00
CA ALA B 322 15.40 -24.30 -1.59
C ALA B 322 14.15 -24.65 -0.79
N ASP B 323 14.27 -24.57 0.54
CA ASP B 323 13.16 -24.87 1.45
C ASP B 323 12.10 -23.77 1.32
N VAL B 324 10.84 -24.17 1.09
CA VAL B 324 9.75 -23.20 0.92
C VAL B 324 9.32 -22.60 2.26
#